data_6MEH
#
_entry.id   6MEH
#
_cell.length_a   66.309
_cell.length_b   69.770
_cell.length_c   168.577
_cell.angle_alpha   90.000
_cell.angle_beta   90.000
_cell.angle_gamma   90.000
#
_symmetry.space_group_name_H-M   'P 21 21 21'
#
loop_
_entity.id
_entity.type
_entity.pdbx_description
1 polymer 'E2 glycoprotein'
2 polymer 'antibody HEPC74 Heavy Chain'
3 polymer 'antibody HEPC74 Light Chain'
4 branched 2-acetamido-2-deoxy-beta-D-glucopyranose-(1-4)-2-acetamido-2-deoxy-beta-D-glucopyranose
5 non-polymer 2-acetamido-2-deoxy-beta-D-glucopyranose
6 water water
#
loop_
_entity_poly.entity_id
_entity_poly.type
_entity_poly.pdbx_seq_one_letter_code
_entity_poly.pdbx_strand_id
1 'polypeptide(L)'
;STHVTGGTASHTTRHFASLFSSGASQRVQLINTNGSWHINRTALNCNDSLHTGFLAALFYTHKFNASGCPERMAHCRPID
EFAQGWGPITYAEGHGSDQRPYCWHYAPRQCGTIPASQVCGPVYCFTPSPVVVGTTDRFGAPTYTWGENETDVLILNNTR
PPQGNWFGCTWMNSTGFTKTCGGPPCNIGGVGNNTLTCPTDCFRKHPEATYTKCGSGPWLTPRCLVDYPYRLWHYPCTVN
FTIFKVRMYVGGVEHRLNAACN
;
C
2 'polypeptide(L)'
;QVQLVQSGAEVKKPGSSVKVSCTTSGGTYINYAISWVRQAPGQGLEWVGGMSPISNTPKYAQKFQGRVTITADESTSTTY
MELSSLRPEDTAVYYCARDLLKYCGGGNCHSLLVDPWGQGTLVTVSSASTKGPSVFPLAPSSKSTSGGTAALGCLVKDYF
PEPVTVSWNSGALTSGVHTFPAVLQSSGLYSLSSVVTVPSSSLGTQTYICNVNHKPSNTKVDKRVEPKSCDKTHHHHHH
;
H
3 'polypeptide(L)'
;DIVMTQSPSTLSASVGDRVTISCRASQSISSWLAWYQQKPGRAPKLLIYKASSLETGVPSRFSGSGSGTEFTLTISSLQP
DDFATYYCQHYNTYLFTFGPGTKVDLKRTVAAPSVFIFPPSDEQLKSGTASVVCLLNNFYPREAKVQWKVDNALQSGNSQ
ESVTEQDSKDSTYSLSSTLTLSKADYEKHKVYACEVTHQGLSSPVTKSFNRGEC
;
L
#
loop_
_chem_comp.id
_chem_comp.type
_chem_comp.name
_chem_comp.formula
NAG D-saccharide, beta linking 2-acetamido-2-deoxy-beta-D-glucopyranose 'C8 H15 N O6'
#
# COMPACT_ATOMS: atom_id res chain seq x y z
N GLY A 35 -19.21 -15.17 -20.12
CA GLY A 35 -19.74 -16.52 -20.17
C GLY A 35 -21.25 -16.58 -20.04
N SER A 36 -21.79 -17.80 -19.86
CA SER A 36 -23.24 -17.96 -19.74
C SER A 36 -23.79 -17.38 -18.45
N TRP A 37 -22.93 -17.12 -17.46
CA TRP A 37 -23.36 -16.62 -16.16
C TRP A 37 -23.76 -15.15 -16.15
N HIS A 38 -23.32 -14.36 -17.15
CA HIS A 38 -23.58 -12.93 -17.11
C HIS A 38 -24.92 -12.60 -17.80
N ILE A 39 -25.99 -13.12 -17.20
CA ILE A 39 -27.36 -12.79 -17.58
C ILE A 39 -28.04 -12.25 -16.33
N ASN A 40 -29.10 -11.46 -16.55
CA ASN A 40 -29.69 -10.76 -15.41
C ASN A 40 -30.51 -11.65 -14.50
N ARG A 41 -30.70 -12.94 -14.86
CA ARG A 41 -31.36 -13.92 -14.01
C ARG A 41 -30.40 -14.67 -13.09
N THR A 42 -29.12 -14.28 -13.08
CA THR A 42 -28.12 -14.84 -12.18
C THR A 42 -28.01 -13.95 -10.95
N ALA A 43 -28.15 -14.53 -9.76
CA ALA A 43 -27.87 -13.77 -8.55
C ALA A 43 -26.38 -13.44 -8.51
N LEU A 44 -26.03 -12.15 -8.36
CA LEU A 44 -24.63 -11.73 -8.42
C LEU A 44 -24.27 -10.90 -7.17
N ASN A 45 -24.47 -11.51 -6.01
CA ASN A 45 -24.16 -10.89 -4.73
C ASN A 45 -22.85 -11.48 -4.20
N CYS A 46 -21.75 -10.93 -4.68
CA CYS A 46 -20.43 -11.48 -4.46
C CYS A 46 -19.62 -10.54 -3.59
N ASN A 47 -18.78 -11.12 -2.72
CA ASN A 47 -18.12 -10.37 -1.66
C ASN A 47 -16.89 -11.18 -1.27
N ASP A 48 -15.76 -10.91 -1.93
CA ASP A 48 -14.52 -11.66 -1.68
C ASP A 48 -13.83 -11.05 -0.46
N SER A 49 -14.46 -11.26 0.70
CA SER A 49 -13.97 -10.66 1.94
C SER A 49 -12.59 -11.18 2.31
N LEU A 50 -12.26 -12.41 1.90
CA LEU A 50 -10.98 -13.02 2.25
C LEU A 50 -9.95 -12.89 1.12
N HIS A 51 -10.29 -12.24 0.01
CA HIS A 51 -9.36 -12.00 -1.08
C HIS A 51 -8.78 -13.31 -1.63
N THR A 52 -9.65 -14.31 -1.85
CA THR A 52 -9.18 -15.57 -2.42
C THR A 52 -8.88 -15.43 -3.92
N GLY A 53 -9.62 -14.56 -4.61
CA GLY A 53 -9.56 -14.49 -6.05
C GLY A 53 -10.69 -15.23 -6.75
N PHE A 54 -11.64 -15.78 -6.00
CA PHE A 54 -12.66 -16.63 -6.60
C PHE A 54 -13.58 -15.86 -7.53
N LEU A 55 -13.77 -14.56 -7.30
CA LEU A 55 -14.62 -13.81 -8.21
C LEU A 55 -13.95 -13.66 -9.57
N ALA A 56 -12.64 -13.44 -9.59
CA ALA A 56 -11.93 -13.39 -10.87
C ALA A 56 -12.01 -14.72 -11.60
N ALA A 57 -12.05 -15.83 -10.86
CA ALA A 57 -12.17 -17.14 -11.50
C ALA A 57 -13.45 -17.30 -12.29
N LEU A 58 -14.46 -16.48 -12.00
CA LEU A 58 -15.72 -16.58 -12.72
C LEU A 58 -15.65 -15.96 -14.12
N PHE A 59 -14.79 -14.97 -14.31
CA PHE A 59 -14.56 -14.36 -15.62
C PHE A 59 -13.55 -15.17 -16.42
N TYR A 60 -12.29 -15.03 -16.03
CA TYR A 60 -11.14 -15.65 -16.65
C TYR A 60 -10.88 -16.99 -15.97
N THR A 61 -10.74 -18.05 -16.75
CA THR A 61 -10.39 -19.34 -16.17
C THR A 61 -8.99 -19.27 -15.55
N HIS A 62 -8.90 -19.63 -14.27
CA HIS A 62 -7.67 -19.51 -13.51
C HIS A 62 -7.21 -20.86 -13.01
N LYS A 63 -5.89 -21.01 -12.87
CA LYS A 63 -5.32 -22.24 -12.35
C LYS A 63 -5.37 -22.23 -10.83
N PHE A 64 -6.01 -23.24 -10.26
CA PHE A 64 -6.11 -23.38 -8.81
C PHE A 64 -4.80 -23.93 -8.24
N ASN A 65 -4.53 -23.58 -6.99
CA ASN A 65 -3.31 -24.04 -6.34
C ASN A 65 -3.62 -25.41 -5.74
N ALA A 66 -3.13 -26.47 -6.40
CA ALA A 66 -3.49 -27.82 -6.00
C ALA A 66 -2.93 -28.16 -4.63
N SER A 67 -1.91 -27.41 -4.19
CA SER A 67 -1.34 -27.65 -2.87
C SER A 67 -2.35 -27.39 -1.76
N GLY A 68 -3.40 -26.61 -2.02
CA GLY A 68 -4.47 -26.41 -1.08
C GLY A 68 -5.62 -27.38 -1.20
N CYS A 69 -5.54 -28.36 -2.12
CA CYS A 69 -6.74 -29.10 -2.49
C CYS A 69 -7.18 -30.10 -1.44
N PRO A 70 -6.33 -31.05 -1.01
CA PRO A 70 -6.80 -32.07 -0.04
C PRO A 70 -7.54 -31.48 1.15
N GLU A 71 -7.08 -30.34 1.66
CA GLU A 71 -7.75 -29.67 2.77
C GLU A 71 -9.08 -29.06 2.32
N PRO A 108 -27.35 -35.41 4.21
CA PRO A 108 -28.75 -35.47 3.79
C PRO A 108 -29.54 -34.22 4.18
N ARG A 109 -29.48 -33.20 3.34
CA ARG A 109 -30.17 -31.94 3.56
C ARG A 109 -31.15 -31.72 2.40
N GLN A 110 -32.27 -31.08 2.68
CA GLN A 110 -33.30 -30.92 1.66
C GLN A 110 -33.11 -29.60 0.91
N CYS A 111 -33.56 -29.61 -0.35
CA CYS A 111 -33.43 -28.46 -1.23
C CYS A 111 -34.72 -27.65 -1.20
N GLY A 112 -34.62 -26.40 -0.78
CA GLY A 112 -35.79 -25.54 -0.73
C GLY A 112 -35.56 -24.23 -1.44
N THR A 113 -35.71 -23.14 -0.71
CA THR A 113 -35.67 -21.80 -1.29
C THR A 113 -34.57 -21.01 -0.62
N ILE A 114 -33.71 -20.41 -1.45
CA ILE A 114 -32.52 -19.70 -0.99
C ILE A 114 -32.71 -18.22 -1.28
N PRO A 115 -32.54 -17.34 -0.30
CA PRO A 115 -32.55 -15.89 -0.62
C PRO A 115 -31.39 -15.54 -1.53
N ALA A 116 -31.70 -14.80 -2.61
CA ALA A 116 -30.68 -14.51 -3.61
C ALA A 116 -29.53 -13.70 -3.01
N SER A 117 -29.79 -12.93 -1.95
CA SER A 117 -28.75 -12.12 -1.33
C SER A 117 -27.55 -12.95 -0.86
N GLN A 118 -27.71 -14.25 -0.63
CA GLN A 118 -26.57 -15.07 -0.22
C GLN A 118 -26.02 -15.93 -1.36
N VAL A 119 -26.31 -15.57 -2.61
CA VAL A 119 -25.91 -16.36 -3.76
C VAL A 119 -25.05 -15.51 -4.69
N CYS A 120 -23.95 -16.10 -5.17
CA CYS A 120 -23.07 -15.47 -6.13
C CYS A 120 -22.84 -16.44 -7.28
N GLY A 121 -23.24 -16.05 -8.48
CA GLY A 121 -23.01 -16.88 -9.64
C GLY A 121 -24.15 -17.85 -9.88
N PRO A 122 -24.00 -18.70 -10.89
CA PRO A 122 -25.13 -19.54 -11.30
C PRO A 122 -25.39 -20.67 -10.33
N VAL A 123 -26.66 -21.03 -10.24
CA VAL A 123 -27.14 -22.11 -9.39
C VAL A 123 -27.48 -23.29 -10.30
N TYR A 124 -26.94 -24.46 -9.99
CA TYR A 124 -27.22 -25.66 -10.75
C TYR A 124 -27.90 -26.70 -9.86
N CYS A 125 -28.94 -27.35 -10.40
CA CYS A 125 -29.49 -28.54 -9.78
C CYS A 125 -29.24 -29.74 -10.68
N PHE A 126 -29.42 -30.94 -10.13
CA PHE A 126 -29.03 -32.16 -10.82
C PHE A 126 -30.11 -33.22 -10.61
N THR A 127 -30.64 -33.73 -11.72
CA THR A 127 -31.81 -34.62 -11.67
C THR A 127 -31.56 -36.09 -11.98
N PRO A 128 -30.32 -36.59 -12.15
CA PRO A 128 -28.93 -36.10 -12.07
C PRO A 128 -28.50 -35.20 -13.24
N SER A 129 -29.28 -35.11 -14.31
CA SER A 129 -28.94 -34.18 -15.39
C SER A 129 -28.93 -32.75 -14.85
N PRO A 130 -27.97 -31.93 -15.27
CA PRO A 130 -27.85 -30.58 -14.71
C PRO A 130 -28.78 -29.57 -15.37
N VAL A 131 -29.37 -28.70 -14.56
CA VAL A 131 -30.21 -27.60 -15.04
C VAL A 131 -29.91 -26.36 -14.20
N VAL A 132 -30.03 -25.20 -14.82
CA VAL A 132 -29.74 -23.94 -14.13
C VAL A 132 -31.04 -23.41 -13.53
N VAL A 133 -30.95 -22.87 -12.32
CA VAL A 133 -32.06 -22.22 -11.65
C VAL A 133 -31.82 -20.72 -11.69
N GLY A 134 -32.75 -19.97 -12.28
CA GLY A 134 -32.65 -18.52 -12.34
C GLY A 134 -33.39 -17.83 -11.19
N THR A 135 -33.14 -16.54 -11.05
CA THR A 135 -33.79 -15.78 -9.99
C THR A 135 -35.27 -15.59 -10.28
N THR A 136 -36.10 -15.76 -9.25
CA THR A 136 -37.51 -15.41 -9.28
C THR A 136 -37.85 -14.61 -8.02
N ASP A 137 -39.05 -14.07 -7.98
CA ASP A 137 -39.61 -13.64 -6.70
C ASP A 137 -40.12 -14.87 -5.96
N ARG A 138 -40.64 -14.67 -4.74
CA ARG A 138 -41.00 -15.81 -3.90
C ARG A 138 -42.20 -16.60 -4.41
N PHE A 139 -42.87 -16.14 -5.47
CA PHE A 139 -44.00 -16.86 -6.05
C PHE A 139 -43.65 -17.51 -7.38
N GLY A 140 -42.38 -17.44 -7.80
CA GLY A 140 -41.94 -18.15 -8.99
C GLY A 140 -41.92 -17.34 -10.26
N ALA A 141 -42.18 -16.04 -10.18
CA ALA A 141 -42.13 -15.16 -11.34
C ALA A 141 -40.69 -14.76 -11.62
N PRO A 142 -40.16 -15.00 -12.83
CA PRO A 142 -38.75 -14.69 -13.10
C PRO A 142 -38.44 -13.22 -12.93
N THR A 143 -37.27 -12.94 -12.35
CA THR A 143 -36.82 -11.58 -12.10
C THR A 143 -35.44 -11.37 -12.74
N TYR A 144 -35.16 -10.10 -13.08
CA TYR A 144 -34.05 -9.80 -13.99
C TYR A 144 -33.13 -8.73 -13.41
N THR A 145 -32.99 -8.69 -12.08
CA THR A 145 -32.20 -7.66 -11.40
C THR A 145 -30.97 -8.24 -10.72
N TRP A 146 -30.42 -9.33 -11.27
CA TRP A 146 -29.20 -9.95 -10.75
C TRP A 146 -29.33 -10.37 -9.28
N GLY A 147 -30.54 -10.73 -8.85
CA GLY A 147 -30.74 -11.12 -7.47
C GLY A 147 -30.48 -10.02 -6.46
N GLU A 148 -30.43 -8.77 -6.90
CA GLU A 148 -30.09 -7.66 -6.01
C GLU A 148 -31.30 -7.10 -5.25
N ASN A 149 -32.50 -7.56 -5.58
CA ASN A 149 -33.71 -7.13 -4.89
C ASN A 149 -33.94 -8.01 -3.66
N GLU A 150 -34.33 -7.37 -2.56
CA GLU A 150 -34.61 -8.11 -1.33
C GLU A 150 -35.67 -9.21 -1.52
N THR A 151 -36.52 -9.08 -2.55
CA THR A 151 -37.58 -10.06 -2.79
C THR A 151 -37.14 -11.23 -3.67
N ASP A 152 -35.90 -11.22 -4.17
CA ASP A 152 -35.45 -12.24 -5.10
C ASP A 152 -35.08 -13.52 -4.35
N VAL A 153 -35.36 -14.65 -4.98
CA VAL A 153 -35.10 -15.97 -4.41
C VAL A 153 -34.67 -16.92 -5.51
N LEU A 154 -34.22 -18.10 -5.10
CA LEU A 154 -34.00 -19.24 -5.97
C LEU A 154 -34.81 -20.40 -5.41
N ILE A 155 -35.92 -20.73 -6.09
CA ILE A 155 -36.78 -21.83 -5.65
C ILE A 155 -36.19 -23.08 -6.28
N LEU A 156 -35.30 -23.75 -5.55
CA LEU A 156 -34.60 -24.91 -6.10
C LEU A 156 -35.58 -26.03 -6.46
N ASN A 157 -36.59 -26.26 -5.61
CA ASN A 157 -37.45 -27.43 -5.79
C ASN A 157 -38.39 -27.32 -6.99
N ASN A 158 -38.44 -26.18 -7.67
CA ASN A 158 -39.24 -26.09 -8.88
C ASN A 158 -38.57 -26.74 -10.09
N THR A 159 -37.31 -27.15 -9.96
CA THR A 159 -36.65 -27.95 -10.98
C THR A 159 -36.60 -29.43 -10.62
N ARG A 160 -37.15 -29.81 -9.48
CA ARG A 160 -37.30 -31.23 -9.15
C ARG A 160 -38.35 -31.84 -10.07
N PRO A 161 -38.05 -32.98 -10.71
CA PRO A 161 -39.08 -33.67 -11.49
C PRO A 161 -40.12 -34.28 -10.57
N PRO A 162 -41.37 -34.43 -11.04
CA PRO A 162 -42.39 -35.02 -10.15
C PRO A 162 -42.13 -36.48 -9.82
N GLN A 163 -41.59 -37.26 -10.77
CA GLN A 163 -41.16 -38.62 -10.51
C GLN A 163 -39.65 -38.63 -10.28
N GLY A 164 -39.22 -39.36 -9.26
CA GLY A 164 -37.79 -39.48 -9.03
C GLY A 164 -37.33 -39.13 -7.63
N ASN A 165 -36.36 -39.90 -7.14
CA ASN A 165 -35.75 -39.72 -5.84
C ASN A 165 -34.38 -39.07 -5.92
N TRP A 166 -34.00 -38.53 -7.07
CA TRP A 166 -32.65 -38.02 -7.30
C TRP A 166 -32.74 -36.51 -7.54
N PHE A 167 -32.29 -35.73 -6.56
CA PHE A 167 -32.32 -34.28 -6.72
C PHE A 167 -31.32 -33.64 -5.78
N GLY A 168 -30.43 -32.82 -6.33
CA GLY A 168 -29.48 -32.06 -5.55
C GLY A 168 -29.10 -30.79 -6.31
N CYS A 169 -28.58 -29.82 -5.58
CA CYS A 169 -28.17 -28.57 -6.19
C CYS A 169 -26.87 -28.09 -5.57
N THR A 170 -26.22 -27.14 -6.24
CA THR A 170 -24.98 -26.57 -5.73
C THR A 170 -24.87 -25.12 -6.19
N TRP A 171 -24.23 -24.31 -5.35
CA TRP A 171 -23.97 -22.92 -5.70
C TRP A 171 -22.85 -22.38 -4.82
N MET A 172 -22.43 -21.15 -5.14
CA MET A 172 -21.45 -20.39 -4.39
C MET A 172 -22.17 -19.36 -3.52
N ASN A 173 -21.81 -19.29 -2.23
CA ASN A 173 -22.44 -18.23 -1.44
C ASN A 173 -21.63 -16.92 -1.58
N SER A 174 -22.13 -15.87 -0.94
CA SER A 174 -21.66 -14.51 -1.21
C SER A 174 -20.15 -14.37 -1.04
N THR A 175 -19.60 -15.01 0.00
CA THR A 175 -18.19 -14.87 0.34
C THR A 175 -17.34 -16.02 -0.20
N GLY A 176 -17.81 -16.72 -1.24
CA GLY A 176 -16.95 -17.64 -1.97
C GLY A 176 -16.87 -19.07 -1.47
N PHE A 177 -17.90 -19.57 -0.79
CA PHE A 177 -17.93 -20.95 -0.34
C PHE A 177 -18.95 -21.74 -1.14
N THR A 178 -18.58 -22.97 -1.48
CA THR A 178 -19.47 -23.83 -2.25
C THR A 178 -20.50 -24.46 -1.32
N LYS A 179 -21.78 -24.28 -1.64
CA LYS A 179 -22.88 -24.83 -0.87
C LYS A 179 -23.56 -25.93 -1.67
N THR A 180 -24.28 -26.80 -0.96
CA THR A 180 -24.87 -27.98 -1.56
C THR A 180 -26.14 -28.36 -0.79
N CYS A 181 -27.07 -29.02 -1.50
CA CYS A 181 -28.24 -29.61 -0.86
C CYS A 181 -28.67 -30.83 -1.67
N GLY A 182 -29.47 -31.69 -1.02
CA GLY A 182 -29.96 -32.90 -1.65
C GLY A 182 -28.81 -33.82 -2.03
N GLY A 183 -29.01 -34.55 -3.13
CA GLY A 183 -28.01 -35.46 -3.64
C GLY A 183 -28.62 -36.80 -4.02
N PRO A 184 -27.78 -37.82 -4.20
CA PRO A 184 -28.28 -39.15 -4.61
C PRO A 184 -29.04 -39.82 -3.48
N PRO A 185 -29.94 -40.77 -3.83
CA PRO A 185 -30.92 -41.31 -2.87
C PRO A 185 -30.44 -41.59 -1.46
N CYS A 186 -29.45 -42.47 -1.33
CA CYS A 186 -28.98 -42.91 -0.03
C CYS A 186 -30.14 -43.51 0.84
N CYS A 214 -24.21 -38.84 2.87
CA CYS A 214 -23.87 -39.85 1.86
C CYS A 214 -24.03 -39.30 0.44
N GLY A 215 -23.15 -38.37 0.06
CA GLY A 215 -23.18 -37.79 -1.26
C GLY A 215 -24.24 -36.72 -1.41
N SER A 216 -23.84 -35.48 -1.72
CA SER A 216 -24.76 -34.37 -1.84
C SER A 216 -24.46 -33.56 -3.10
N GLY A 217 -25.47 -32.79 -3.53
CA GLY A 217 -25.37 -31.98 -4.72
C GLY A 217 -25.16 -32.82 -5.97
N PRO A 218 -24.10 -32.52 -6.72
CA PRO A 218 -23.84 -33.23 -7.99
C PRO A 218 -23.07 -34.53 -7.82
N TRP A 219 -22.67 -34.88 -6.61
CA TRP A 219 -21.87 -36.10 -6.44
C TRP A 219 -22.76 -37.31 -6.61
N LEU A 220 -22.38 -38.19 -7.53
CA LEU A 220 -23.08 -39.45 -7.73
C LEU A 220 -22.58 -40.51 -6.77
N THR A 221 -21.28 -40.74 -6.77
CA THR A 221 -20.61 -41.68 -5.90
C THR A 221 -19.58 -40.88 -5.11
N PRO A 222 -18.88 -41.47 -4.14
CA PRO A 222 -17.79 -40.74 -3.47
C PRO A 222 -16.64 -40.35 -4.39
N ARG A 223 -16.53 -40.94 -5.58
CA ARG A 223 -15.45 -40.61 -6.52
C ARG A 223 -15.93 -39.89 -7.78
N CYS A 224 -17.24 -39.69 -7.96
CA CYS A 224 -17.78 -39.15 -9.20
C CYS A 224 -18.79 -38.05 -8.91
N LEU A 225 -18.74 -36.98 -9.72
CA LEU A 225 -19.79 -35.98 -9.70
C LEU A 225 -20.21 -35.68 -11.13
N VAL A 226 -21.43 -35.15 -11.27
CA VAL A 226 -21.98 -34.78 -12.57
C VAL A 226 -21.17 -33.62 -13.13
N ASP A 227 -20.79 -33.72 -14.40
CA ASP A 227 -20.08 -32.63 -15.03
C ASP A 227 -21.07 -31.56 -15.50
N TYR A 228 -20.65 -30.31 -15.39
CA TYR A 228 -21.49 -29.18 -15.80
C TYR A 228 -20.58 -27.95 -15.93
N PRO A 229 -21.03 -26.91 -16.64
CA PRO A 229 -20.09 -25.85 -17.08
C PRO A 229 -19.39 -25.09 -15.95
N TYR A 230 -19.90 -25.08 -14.72
CA TYR A 230 -19.26 -24.35 -13.64
C TYR A 230 -18.69 -25.28 -12.57
N ARG A 231 -18.50 -26.57 -12.91
CA ARG A 231 -17.93 -27.53 -11.97
C ARG A 231 -16.54 -27.09 -11.51
N LEU A 232 -15.71 -26.58 -12.43
CA LEU A 232 -14.36 -26.21 -12.06
C LEU A 232 -14.32 -24.95 -11.20
N TRP A 233 -15.35 -24.12 -11.27
CA TRP A 233 -15.44 -22.96 -10.39
C TRP A 233 -15.94 -23.36 -9.00
N HIS A 234 -17.00 -24.18 -8.94
CA HIS A 234 -17.52 -24.66 -7.66
C HIS A 234 -16.63 -25.73 -7.04
N TYR A 235 -15.98 -26.57 -7.86
CA TYR A 235 -15.15 -27.68 -7.38
C TYR A 235 -13.79 -27.66 -8.06
N PRO A 236 -12.97 -26.63 -7.78
CA PRO A 236 -11.66 -26.53 -8.46
C PRO A 236 -10.75 -27.71 -8.18
N CYS A 237 -10.95 -28.40 -7.05
CA CYS A 237 -10.10 -29.55 -6.80
C CYS A 237 -10.45 -30.77 -7.64
N THR A 238 -11.45 -30.69 -8.53
CA THR A 238 -11.76 -31.80 -9.41
C THR A 238 -11.18 -31.58 -10.81
N VAL A 239 -10.22 -30.66 -10.95
CA VAL A 239 -9.76 -30.22 -12.27
C VAL A 239 -9.17 -31.37 -13.08
N ASN A 240 -8.56 -32.36 -12.43
CA ASN A 240 -7.96 -33.47 -13.17
C ASN A 240 -8.82 -34.73 -13.17
N PHE A 241 -10.05 -34.66 -12.66
CA PHE A 241 -10.99 -35.75 -12.82
C PHE A 241 -11.19 -36.06 -14.31
N THR A 242 -11.39 -37.34 -14.63
CA THR A 242 -11.63 -37.74 -16.01
C THR A 242 -13.12 -37.76 -16.31
N ILE A 243 -13.47 -37.44 -17.56
CA ILE A 243 -14.86 -37.36 -17.98
C ILE A 243 -15.27 -38.70 -18.57
N PHE A 244 -16.39 -39.27 -18.07
CA PHE A 244 -16.93 -40.53 -18.56
C PHE A 244 -18.38 -40.29 -19.00
N LYS A 245 -18.74 -40.79 -20.17
CA LYS A 245 -20.15 -40.88 -20.53
C LYS A 245 -20.84 -41.97 -19.71
N VAL A 246 -21.93 -41.61 -19.03
CA VAL A 246 -22.61 -42.58 -18.21
C VAL A 246 -24.10 -42.55 -18.51
N ARG A 247 -24.77 -43.62 -18.11
CA ARG A 247 -26.20 -43.80 -18.28
C ARG A 247 -26.78 -44.20 -16.94
N MET A 248 -27.78 -43.45 -16.49
CA MET A 248 -28.43 -43.68 -15.21
C MET A 248 -29.93 -43.76 -15.42
N TYR A 249 -30.58 -44.57 -14.59
CA TYR A 249 -32.03 -44.76 -14.58
C TYR A 249 -32.58 -44.30 -13.25
N VAL A 250 -33.42 -43.27 -13.27
CA VAL A 250 -34.10 -42.76 -12.09
C VAL A 250 -35.60 -42.96 -12.30
N GLY A 251 -36.21 -43.81 -11.47
CA GLY A 251 -37.60 -44.16 -11.62
C GLY A 251 -38.05 -44.44 -13.03
N GLY A 252 -37.20 -45.06 -13.84
CA GLY A 252 -37.57 -45.54 -15.16
C GLY A 252 -37.07 -44.72 -16.33
N VAL A 253 -36.74 -43.44 -16.14
CA VAL A 253 -36.30 -42.59 -17.24
C VAL A 253 -34.79 -42.70 -17.40
N GLU A 254 -34.35 -42.80 -18.65
CA GLU A 254 -32.93 -42.91 -18.98
C GLU A 254 -32.26 -41.53 -18.93
N HIS A 255 -31.19 -41.41 -18.16
CA HIS A 255 -30.39 -40.19 -18.09
C HIS A 255 -29.01 -40.48 -18.69
N ARG A 256 -28.60 -39.65 -19.64
CA ARG A 256 -27.29 -39.77 -20.27
C ARG A 256 -26.56 -38.47 -20.00
N LEU A 257 -25.50 -38.55 -19.20
CA LEU A 257 -24.78 -37.37 -18.77
C LEU A 257 -23.30 -37.72 -18.71
N ASN A 258 -22.48 -36.70 -18.53
CA ASN A 258 -21.04 -36.86 -18.33
C ASN A 258 -20.74 -36.81 -16.85
N ALA A 259 -20.07 -37.83 -16.35
CA ALA A 259 -19.57 -37.84 -14.99
C ALA A 259 -18.07 -37.56 -15.02
N ALA A 260 -17.63 -36.68 -14.12
CA ALA A 260 -16.21 -36.48 -13.83
C ALA A 260 -15.84 -37.32 -12.63
N CYS A 261 -14.78 -38.15 -12.76
CA CYS A 261 -14.47 -39.18 -11.77
C CYS A 261 -12.98 -39.21 -11.41
N ASN A 262 -12.71 -39.38 -10.11
CA ASN A 262 -11.36 -39.54 -9.58
C ASN A 262 -10.90 -40.99 -9.70
N GLN B 1 -1.89 -16.00 4.19
CA GLN B 1 -0.45 -15.96 4.05
C GLN B 1 -0.02 -15.80 2.57
N VAL B 2 -0.86 -15.15 1.77
CA VAL B 2 -0.41 -14.69 0.46
C VAL B 2 0.71 -13.69 0.64
N GLN B 3 1.71 -13.75 -0.23
CA GLN B 3 2.77 -12.76 -0.21
C GLN B 3 3.06 -12.25 -1.60
N LEU B 4 3.41 -10.96 -1.66
CA LEU B 4 3.89 -10.29 -2.88
C LEU B 4 5.33 -9.87 -2.65
N VAL B 5 6.23 -10.31 -3.52
CA VAL B 5 7.66 -10.04 -3.39
C VAL B 5 8.14 -9.36 -4.67
N GLN B 6 8.72 -8.17 -4.53
CA GLN B 6 9.21 -7.38 -5.65
C GLN B 6 10.72 -7.60 -5.88
N SER B 7 11.15 -7.29 -7.10
CA SER B 7 12.57 -7.30 -7.39
C SER B 7 13.27 -6.12 -6.70
N GLY B 8 14.61 -6.13 -6.77
CA GLY B 8 15.42 -5.20 -5.99
C GLY B 8 15.52 -3.82 -6.63
N ALA B 9 16.12 -2.90 -5.88
CA ALA B 9 16.20 -1.51 -6.28
C ALA B 9 17.00 -1.36 -7.58
N GLU B 10 16.69 -0.31 -8.34
CA GLU B 10 17.33 -0.09 -9.62
C GLU B 10 17.85 1.34 -9.70
N VAL B 11 18.95 1.51 -10.43
CA VAL B 11 19.54 2.80 -10.73
C VAL B 11 19.65 2.94 -12.24
N LYS B 12 19.10 4.00 -12.80
CA LYS B 12 19.05 4.13 -14.25
C LYS B 12 19.45 5.53 -14.68
N LYS B 13 20.07 5.61 -15.87
CA LYS B 13 20.32 6.90 -16.51
C LYS B 13 19.04 7.38 -17.20
N PRO B 14 18.85 8.69 -17.30
CA PRO B 14 17.68 9.20 -18.04
C PRO B 14 17.67 8.68 -19.47
N GLY B 15 16.47 8.38 -19.96
CA GLY B 15 16.31 7.85 -21.28
C GLY B 15 16.40 6.34 -21.39
N SER B 16 16.82 5.65 -20.32
CA SER B 16 16.93 4.20 -20.33
C SER B 16 15.59 3.58 -19.94
N SER B 17 15.55 2.26 -19.72
CA SER B 17 14.33 1.63 -19.24
C SER B 17 14.62 0.68 -18.09
N VAL B 18 13.57 0.40 -17.33
CA VAL B 18 13.64 -0.43 -16.14
C VAL B 18 12.47 -1.41 -16.18
N LYS B 19 12.71 -2.62 -15.70
CA LYS B 19 11.71 -3.67 -15.67
C LYS B 19 11.69 -4.26 -14.27
N VAL B 20 10.61 -4.00 -13.54
CA VAL B 20 10.46 -4.42 -12.16
C VAL B 20 9.45 -5.56 -12.12
N SER B 21 9.66 -6.48 -11.20
CA SER B 21 8.83 -7.69 -11.13
C SER B 21 8.15 -7.79 -9.77
N CYS B 22 7.07 -8.59 -9.75
CA CYS B 22 6.26 -8.85 -8.58
C CYS B 22 5.79 -10.30 -8.67
N THR B 23 6.16 -11.12 -7.69
CA THR B 23 5.85 -12.55 -7.70
C THR B 23 4.95 -12.85 -6.52
N THR B 24 3.85 -13.57 -6.77
CA THR B 24 2.96 -13.92 -5.68
C THR B 24 3.27 -15.34 -5.21
N SER B 25 3.10 -15.56 -3.91
CA SER B 25 3.19 -16.89 -3.32
C SER B 25 2.13 -17.01 -2.24
N GLY B 26 1.92 -18.24 -1.76
CA GLY B 26 0.94 -18.47 -0.72
C GLY B 26 -0.50 -18.23 -1.12
N GLY B 27 -0.81 -18.26 -2.41
CA GLY B 27 -2.14 -17.92 -2.88
C GLY B 27 -3.07 -19.12 -3.06
N THR B 28 -4.38 -18.81 -3.13
CA THR B 28 -5.38 -19.83 -3.45
C THR B 28 -5.30 -20.23 -4.93
N TYR B 29 -5.05 -19.26 -5.80
CA TYR B 29 -4.83 -19.46 -7.22
C TYR B 29 -3.37 -19.23 -7.54
N ILE B 30 -2.90 -19.81 -8.65
CA ILE B 30 -1.50 -19.65 -9.04
C ILE B 30 -1.22 -18.19 -9.43
N ASN B 31 -2.15 -17.56 -10.15
CA ASN B 31 -1.90 -16.20 -10.64
C ASN B 31 -3.00 -15.24 -10.21
N TYR B 32 -2.59 -13.99 -10.01
CA TYR B 32 -3.46 -12.88 -9.66
C TYR B 32 -3.15 -11.69 -10.58
N ALA B 33 -4.17 -10.92 -10.92
CA ALA B 33 -3.92 -9.65 -11.59
C ALA B 33 -3.19 -8.72 -10.63
N ILE B 34 -2.12 -8.08 -11.11
CA ILE B 34 -1.27 -7.21 -10.29
C ILE B 34 -1.32 -5.79 -10.85
N SER B 35 -1.36 -4.80 -9.97
CA SER B 35 -1.22 -3.41 -10.39
C SER B 35 -0.06 -2.75 -9.63
N TRP B 36 0.34 -1.59 -10.15
CA TRP B 36 1.53 -0.88 -9.66
C TRP B 36 1.15 0.55 -9.27
N VAL B 37 1.64 0.99 -8.11
CA VAL B 37 1.43 2.35 -7.61
C VAL B 37 2.79 2.88 -7.17
N ARG B 38 3.11 4.12 -7.54
CA ARG B 38 4.41 4.65 -7.15
C ARG B 38 4.26 5.86 -6.24
N GLN B 39 5.35 6.20 -5.55
CA GLN B 39 5.36 7.37 -4.67
C GLN B 39 6.73 8.00 -4.74
N ALA B 40 6.79 9.21 -5.29
CA ALA B 40 8.04 9.96 -5.36
C ALA B 40 8.42 10.48 -3.97
N PRO B 41 9.72 10.76 -3.74
CA PRO B 41 10.12 11.25 -2.40
C PRO B 41 9.32 12.46 -1.94
N GLY B 42 8.59 12.29 -0.83
CA GLY B 42 7.80 13.35 -0.24
C GLY B 42 6.45 13.61 -0.87
N GLN B 43 6.01 12.78 -1.82
CA GLN B 43 4.82 13.07 -2.61
C GLN B 43 3.72 12.06 -2.31
N GLY B 44 2.61 12.17 -3.06
CA GLY B 44 1.47 11.29 -2.88
C GLY B 44 1.55 10.03 -3.73
N LEU B 45 0.49 9.24 -3.66
CA LEU B 45 0.42 7.99 -4.43
C LEU B 45 -0.04 8.26 -5.85
N GLU B 46 0.51 7.51 -6.80
CA GLU B 46 0.19 7.68 -8.21
C GLU B 46 0.07 6.31 -8.85
N TRP B 47 -1.12 5.97 -9.34
CA TRP B 47 -1.29 4.69 -10.01
C TRP B 47 -0.55 4.73 -11.34
N VAL B 48 0.14 3.64 -11.65
CA VAL B 48 0.88 3.53 -12.91
C VAL B 48 0.16 2.61 -13.89
N GLY B 49 -0.02 1.35 -13.52
CA GLY B 49 -0.79 0.46 -14.35
C GLY B 49 -0.60 -0.96 -13.89
N GLY B 50 -1.36 -1.85 -14.52
CA GLY B 50 -1.28 -3.26 -14.19
C GLY B 50 -2.09 -4.08 -15.16
N MET B 51 -2.29 -5.36 -14.81
CA MET B 51 -3.13 -6.23 -15.62
C MET B 51 -4.57 -6.20 -15.08
N SER B 52 -5.53 -6.16 -16.00
CA SER B 52 -6.93 -6.15 -15.60
C SER B 52 -7.36 -7.53 -15.12
N PRO B 53 -8.04 -7.66 -13.98
CA PRO B 53 -8.57 -8.97 -13.58
C PRO B 53 -9.74 -9.43 -14.43
N ILE B 54 -10.29 -8.58 -15.28
CA ILE B 54 -11.38 -9.00 -16.15
C ILE B 54 -10.84 -9.50 -17.49
N SER B 55 -10.15 -8.63 -18.24
CA SER B 55 -9.67 -9.01 -19.57
C SER B 55 -8.34 -9.74 -19.55
N ASN B 56 -7.65 -9.74 -18.43
CA ASN B 56 -6.25 -10.17 -18.37
C ASN B 56 -5.43 -9.52 -19.48
N THR B 57 -5.65 -8.22 -19.68
CA THR B 57 -4.87 -7.39 -20.57
C THR B 57 -4.38 -6.18 -19.78
N PRO B 58 -3.28 -5.56 -20.20
CA PRO B 58 -2.77 -4.40 -19.46
C PRO B 58 -3.75 -3.24 -19.49
N LYS B 59 -3.73 -2.46 -18.40
CA LYS B 59 -4.41 -1.16 -18.36
C LYS B 59 -3.50 -0.16 -17.66
N TYR B 60 -3.41 1.05 -18.23
CA TYR B 60 -2.48 2.06 -17.76
C TYR B 60 -3.16 3.40 -17.57
N ALA B 61 -2.64 4.18 -16.64
CA ALA B 61 -2.85 5.61 -16.69
C ALA B 61 -2.28 6.13 -18.02
N GLN B 62 -3.11 6.79 -18.82
CA GLN B 62 -2.60 7.10 -20.14
C GLN B 62 -1.54 8.20 -20.13
N LYS B 63 -1.28 8.84 -18.98
CA LYS B 63 -0.06 9.64 -18.82
C LYS B 63 1.18 8.87 -19.24
N PHE B 64 1.16 7.53 -19.10
CA PHE B 64 2.30 6.69 -19.41
C PHE B 64 2.19 6.01 -20.77
N GLN B 65 1.18 6.35 -21.57
CA GLN B 65 0.99 5.78 -22.89
C GLN B 65 2.25 5.86 -23.72
N GLY B 66 2.65 4.70 -24.25
CA GLY B 66 3.77 4.59 -25.15
C GLY B 66 5.11 4.39 -24.47
N ARG B 67 5.18 4.45 -23.14
CA ARG B 67 6.43 4.11 -22.46
C ARG B 67 6.21 3.18 -21.28
N VAL B 68 5.04 2.57 -21.14
CA VAL B 68 4.83 1.52 -20.15
C VAL B 68 4.23 0.33 -20.86
N THR B 69 4.82 -0.84 -20.65
CA THR B 69 4.24 -2.11 -21.09
C THR B 69 4.24 -3.06 -19.92
N ILE B 70 3.12 -3.73 -19.72
CA ILE B 70 2.93 -4.63 -18.59
C ILE B 70 2.68 -6.02 -19.13
N THR B 71 3.38 -7.00 -18.57
CA THR B 71 3.32 -8.38 -19.04
C THR B 71 3.30 -9.30 -17.83
N ALA B 72 2.98 -10.57 -18.07
CA ALA B 72 2.84 -11.53 -16.99
C ALA B 72 3.36 -12.89 -17.45
N ASP B 73 4.11 -13.55 -16.56
CA ASP B 73 4.56 -14.93 -16.78
C ASP B 73 3.66 -15.83 -15.93
N GLU B 74 2.75 -16.55 -16.60
CA GLU B 74 1.77 -17.38 -15.89
C GLU B 74 2.44 -18.52 -15.13
N SER B 75 3.50 -19.11 -15.69
CA SER B 75 4.12 -20.26 -15.06
C SER B 75 4.94 -19.90 -13.82
N THR B 76 5.28 -18.62 -13.62
CA THR B 76 6.08 -18.21 -12.48
C THR B 76 5.34 -17.22 -11.58
N SER B 77 4.04 -17.04 -11.78
CA SER B 77 3.20 -16.17 -10.95
C SER B 77 3.82 -14.77 -10.80
N THR B 78 4.38 -14.26 -11.90
CA THR B 78 5.12 -13.01 -11.91
C THR B 78 4.46 -12.03 -12.88
N THR B 79 4.43 -10.77 -12.49
CA THR B 79 4.00 -9.68 -13.36
C THR B 79 5.13 -8.66 -13.43
N TYR B 80 5.33 -8.09 -14.61
CA TYR B 80 6.43 -7.18 -14.90
C TYR B 80 5.88 -5.83 -15.32
N MET B 81 6.52 -4.76 -14.84
CA MET B 81 6.25 -3.41 -15.31
C MET B 81 7.53 -2.88 -15.94
N GLU B 82 7.47 -2.58 -17.23
CA GLU B 82 8.59 -2.02 -17.96
C GLU B 82 8.28 -0.56 -18.27
N LEU B 83 9.08 0.35 -17.70
CA LEU B 83 8.91 1.78 -17.91
C LEU B 83 10.11 2.30 -18.71
N SER B 84 9.83 2.90 -19.86
CA SER B 84 10.85 3.35 -20.79
C SER B 84 10.97 4.87 -20.78
N SER B 85 11.93 5.36 -21.55
CA SER B 85 12.25 6.79 -21.65
C SER B 85 12.25 7.46 -20.29
N LEU B 86 12.97 6.84 -19.34
CA LEU B 86 12.90 7.27 -17.94
C LEU B 86 13.37 8.71 -17.80
N ARG B 87 12.73 9.44 -16.89
CA ARG B 87 13.07 10.82 -16.58
C ARG B 87 13.29 10.94 -15.08
N PRO B 88 14.07 11.94 -14.64
CA PRO B 88 14.34 12.08 -13.19
C PRO B 88 13.08 12.00 -12.31
N GLU B 89 11.96 12.54 -12.77
CA GLU B 89 10.74 12.50 -11.95
C GLU B 89 10.14 11.10 -11.84
N ASP B 90 10.63 10.13 -12.60
CA ASP B 90 10.25 8.75 -12.36
C ASP B 90 10.95 8.15 -11.15
N THR B 91 11.83 8.90 -10.49
CA THR B 91 12.46 8.41 -9.26
C THR B 91 11.40 8.27 -8.18
N ALA B 92 11.26 7.07 -7.63
CA ALA B 92 10.13 6.81 -6.74
C ALA B 92 10.25 5.40 -6.19
N VAL B 93 9.50 5.12 -5.14
CA VAL B 93 9.29 3.75 -4.71
C VAL B 93 8.06 3.23 -5.43
N TYR B 94 8.20 2.08 -6.09
CA TYR B 94 7.13 1.45 -6.85
C TYR B 94 6.62 0.25 -6.06
N TYR B 95 5.33 0.26 -5.73
CA TYR B 95 4.69 -0.84 -4.99
C TYR B 95 3.77 -1.62 -5.93
N CYS B 96 3.64 -2.92 -5.68
CA CYS B 96 2.61 -3.71 -6.35
C CYS B 96 1.58 -4.18 -5.34
N ALA B 97 0.40 -4.52 -5.85
CA ALA B 97 -0.70 -4.99 -5.05
C ALA B 97 -1.63 -5.73 -5.99
N ARG B 98 -2.31 -6.76 -5.48
CA ARG B 98 -3.33 -7.42 -6.29
C ARG B 98 -4.45 -6.47 -6.61
N ASP B 99 -4.82 -6.44 -7.89
CA ASP B 99 -6.02 -5.79 -8.41
C ASP B 99 -7.12 -6.84 -8.40
N LEU B 100 -7.91 -6.89 -7.33
CA LEU B 100 -8.75 -8.05 -7.05
C LEU B 100 -10.23 -7.70 -7.17
N LEU B 101 -10.98 -8.54 -7.87
CA LEU B 101 -12.42 -8.32 -8.02
C LEU B 101 -13.09 -8.62 -6.70
N LYS B 102 -13.67 -7.58 -6.09
CA LYS B 102 -14.10 -7.60 -4.70
C LYS B 102 -15.62 -7.69 -4.52
N TYR B 103 -16.42 -6.96 -5.30
CA TYR B 103 -17.86 -6.97 -5.17
C TYR B 103 -18.48 -6.62 -6.51
N CYS B 104 -19.81 -6.80 -6.60
CA CYS B 104 -20.54 -6.54 -7.84
C CYS B 104 -21.77 -5.69 -7.56
N GLY B 105 -22.15 -4.89 -8.57
CA GLY B 105 -23.38 -4.12 -8.53
C GLY B 105 -24.06 -4.08 -9.89
N GLY B 106 -25.33 -4.48 -9.94
CA GLY B 106 -26.10 -4.42 -11.19
C GLY B 106 -25.53 -5.26 -12.31
N GLY B 107 -24.88 -6.38 -11.96
CA GLY B 107 -24.22 -7.21 -12.94
C GLY B 107 -22.80 -6.80 -13.28
N ASN B 108 -22.33 -5.65 -12.81
CA ASN B 108 -20.95 -5.22 -13.03
C ASN B 108 -20.15 -5.35 -11.75
N CYS B 109 -18.93 -5.85 -11.86
CA CYS B 109 -18.08 -6.13 -10.72
C CYS B 109 -16.88 -5.18 -10.69
N HIS B 110 -16.36 -4.93 -9.49
CA HIS B 110 -15.40 -3.86 -9.26
C HIS B 110 -14.20 -4.41 -8.52
N SER B 111 -13.01 -3.98 -8.94
CA SER B 111 -11.76 -4.47 -8.38
C SER B 111 -11.05 -3.36 -7.62
N LEU B 112 -10.43 -3.74 -6.51
CA LEU B 112 -9.71 -2.86 -5.60
C LEU B 112 -8.28 -3.35 -5.44
N LEU B 113 -7.36 -2.43 -5.15
CA LEU B 113 -6.01 -2.80 -4.76
C LEU B 113 -6.07 -3.25 -3.31
N VAL B 114 -5.85 -4.54 -3.06
CA VAL B 114 -6.10 -5.11 -1.75
C VAL B 114 -4.77 -5.55 -1.14
N ASP B 115 -4.79 -5.77 0.17
CA ASP B 115 -3.65 -6.33 0.88
C ASP B 115 -3.39 -7.77 0.45
N PRO B 116 -2.13 -8.25 0.58
CA PRO B 116 -0.93 -7.52 1.02
C PRO B 116 -0.21 -6.87 -0.15
N TRP B 117 0.42 -5.72 0.09
CA TRP B 117 1.23 -5.07 -0.93
C TRP B 117 2.64 -5.63 -0.94
N GLY B 118 3.34 -5.43 -2.06
CA GLY B 118 4.74 -5.77 -2.12
C GLY B 118 5.56 -4.85 -1.22
N GLN B 119 6.84 -5.16 -1.06
CA GLN B 119 7.65 -4.38 -0.15
C GLN B 119 8.11 -3.06 -0.75
N GLY B 120 7.99 -2.88 -2.05
CA GLY B 120 8.44 -1.67 -2.70
C GLY B 120 9.76 -1.88 -3.40
N THR B 121 9.94 -1.17 -4.52
CA THR B 121 11.15 -1.20 -5.33
C THR B 121 11.58 0.24 -5.60
N LEU B 122 12.73 0.65 -5.06
CA LEU B 122 13.25 1.98 -5.33
C LEU B 122 13.87 2.00 -6.73
N VAL B 123 13.41 2.92 -7.57
CA VAL B 123 14.04 3.17 -8.86
C VAL B 123 14.53 4.60 -8.88
N THR B 124 15.83 4.79 -9.02
CA THR B 124 16.45 6.11 -9.08
C THR B 124 16.88 6.42 -10.50
N VAL B 125 16.45 7.57 -11.02
CA VAL B 125 16.72 7.95 -12.40
C VAL B 125 17.54 9.22 -12.37
N SER B 126 18.81 9.12 -12.77
CA SER B 126 19.72 10.25 -12.59
C SER B 126 20.93 10.04 -13.49
N SER B 127 21.53 11.15 -13.90
CA SER B 127 22.81 11.05 -14.60
C SER B 127 23.97 10.84 -13.65
N ALA B 128 23.74 10.96 -12.34
CA ALA B 128 24.80 10.75 -11.35
C ALA B 128 25.29 9.30 -11.37
N SER B 129 26.48 9.10 -10.81
CA SER B 129 27.12 7.79 -10.77
C SER B 129 27.26 7.33 -9.32
N THR B 130 27.16 6.01 -9.13
CA THR B 130 27.19 5.43 -7.79
C THR B 130 28.45 5.86 -7.04
N LYS B 131 28.26 6.27 -5.79
CA LYS B 131 29.34 6.86 -5.00
C LYS B 131 29.01 6.75 -3.53
N GLY B 132 29.98 6.28 -2.73
CA GLY B 132 29.81 6.15 -1.29
C GLY B 132 30.07 7.47 -0.58
N PRO B 133 29.55 7.60 0.64
CA PRO B 133 29.61 8.89 1.34
C PRO B 133 30.95 9.14 2.01
N SER B 134 31.21 10.41 2.26
CA SER B 134 32.17 10.82 3.28
C SER B 134 31.40 11.09 4.55
N VAL B 135 31.97 10.70 5.69
CA VAL B 135 31.30 10.86 6.99
C VAL B 135 32.10 11.86 7.82
N PHE B 136 31.45 12.94 8.23
CA PHE B 136 32.12 13.95 9.04
C PHE B 136 31.48 14.07 10.41
N PRO B 137 32.24 14.38 11.45
CA PRO B 137 31.65 14.50 12.79
C PRO B 137 30.89 15.81 12.97
N LEU B 138 29.81 15.73 13.74
CA LEU B 138 29.07 16.89 14.23
C LEU B 138 29.44 16.97 15.70
N ALA B 139 30.36 17.90 16.04
CA ALA B 139 31.04 17.60 17.30
C ALA B 139 30.47 18.40 18.45
N PRO B 140 30.33 17.71 19.58
CA PRO B 140 29.72 18.33 20.77
C PRO B 140 30.52 19.54 21.24
N SER B 141 29.78 20.55 21.72
CA SER B 141 30.37 21.80 22.22
C SER B 141 30.95 21.61 23.61
N SER B 146 25.06 23.27 25.66
CA SER B 146 25.40 23.50 27.06
C SER B 146 24.37 22.84 27.98
N GLY B 147 24.42 23.15 29.29
CA GLY B 147 23.52 22.53 30.25
C GLY B 147 23.80 21.03 30.44
N GLY B 148 22.79 20.33 30.98
CA GLY B 148 22.89 18.90 31.27
C GLY B 148 22.85 17.96 30.07
N THR B 149 22.49 18.44 28.89
CA THR B 149 22.34 17.59 27.71
C THR B 149 23.22 18.10 26.59
N ALA B 150 24.00 17.19 25.98
CA ALA B 150 24.84 17.51 24.84
C ALA B 150 24.34 16.79 23.59
N ALA B 151 24.53 17.43 22.43
CA ALA B 151 24.18 16.87 21.14
C ALA B 151 25.44 16.62 20.32
N LEU B 152 25.45 15.50 19.59
CA LEU B 152 26.52 15.21 18.66
C LEU B 152 25.91 14.46 17.50
N GLY B 153 26.72 14.23 16.47
CA GLY B 153 26.16 13.60 15.29
C GLY B 153 27.20 13.29 14.24
N CYS B 154 26.69 12.83 13.10
CA CYS B 154 27.50 12.54 11.93
C CYS B 154 26.84 13.12 10.70
N LEU B 155 27.65 13.71 9.83
CA LEU B 155 27.16 14.22 8.55
C LEU B 155 27.59 13.25 7.46
N VAL B 156 26.61 12.67 6.76
CA VAL B 156 26.85 11.62 5.78
C VAL B 156 26.66 12.25 4.41
N LYS B 157 27.75 12.68 3.79
CA LYS B 157 27.67 13.66 2.73
C LYS B 157 28.09 13.06 1.40
N ASP B 158 27.37 13.48 0.35
CA ASP B 158 27.75 13.28 -1.05
C ASP B 158 27.76 11.82 -1.47
N TYR B 159 26.61 11.15 -1.37
CA TYR B 159 26.50 9.77 -1.81
C TYR B 159 25.42 9.64 -2.89
N PHE B 160 25.46 8.52 -3.61
CA PHE B 160 24.44 8.23 -4.62
C PHE B 160 24.44 6.73 -4.87
N PRO B 161 23.28 6.08 -4.99
CA PRO B 161 21.94 6.62 -4.78
C PRO B 161 21.50 6.47 -3.31
N GLU B 162 20.24 6.82 -3.02
CA GLU B 162 19.64 6.37 -1.77
C GLU B 162 19.63 4.83 -1.74
N PRO B 163 19.53 4.20 -0.56
CA PRO B 163 19.52 4.71 0.81
C PRO B 163 20.86 4.53 1.54
N VAL B 164 21.04 5.20 2.67
CA VAL B 164 22.07 4.89 3.64
C VAL B 164 21.37 4.60 4.95
N THR B 165 21.96 3.70 5.74
CA THR B 165 21.52 3.43 7.10
C THR B 165 22.58 3.95 8.07
N VAL B 166 22.14 4.53 9.18
CA VAL B 166 23.02 5.00 10.24
C VAL B 166 22.56 4.40 11.55
N SER B 167 23.48 3.79 12.30
CA SER B 167 23.22 3.40 13.68
C SER B 167 24.30 3.99 14.59
N TRP B 168 24.06 3.98 15.90
CA TRP B 168 25.02 4.50 16.88
C TRP B 168 25.48 3.39 17.82
N ASN B 169 26.78 3.36 18.06
CA ASN B 169 27.42 2.34 18.90
C ASN B 169 26.92 0.94 18.56
N SER B 170 26.85 0.62 17.27
CA SER B 170 26.45 -0.71 16.80
C SER B 170 25.08 -1.11 17.34
N GLY B 171 24.17 -0.16 17.45
CA GLY B 171 22.83 -0.49 17.89
C GLY B 171 22.62 -0.42 19.39
N ALA B 172 23.68 -0.20 20.17
CA ALA B 172 23.50 -0.04 21.60
C ALA B 172 22.90 1.30 21.98
N LEU B 173 22.85 2.27 21.07
CA LEU B 173 22.35 3.61 21.37
C LEU B 173 21.27 3.90 20.34
N THR B 174 20.01 3.99 20.79
CA THR B 174 18.90 4.20 19.86
C THR B 174 18.00 5.29 20.38
N SER B 175 17.88 5.39 21.70
CA SER B 175 17.06 6.43 22.31
C SER B 175 17.70 7.80 22.06
N GLY B 176 16.87 8.77 21.68
CA GLY B 176 17.37 10.10 21.43
C GLY B 176 18.10 10.28 20.12
N VAL B 177 18.15 9.25 19.26
CA VAL B 177 18.73 9.37 17.92
C VAL B 177 17.71 9.98 16.97
N HIS B 178 18.12 10.96 16.17
CA HIS B 178 17.31 11.44 15.06
C HIS B 178 18.14 11.35 13.79
N THR B 179 17.69 10.52 12.86
CA THR B 179 18.34 10.38 11.57
C THR B 179 17.42 11.04 10.54
N PHE B 180 17.89 12.12 9.93
CA PHE B 180 17.01 12.97 9.14
C PHE B 180 16.81 12.40 7.73
N PRO B 181 15.71 12.77 7.06
CA PRO B 181 15.58 12.46 5.63
C PRO B 181 16.75 13.02 4.84
N ALA B 182 17.20 12.27 3.84
CA ALA B 182 18.25 12.77 2.97
C ALA B 182 17.76 13.96 2.16
N VAL B 183 18.68 14.85 1.77
CA VAL B 183 18.37 15.91 0.83
C VAL B 183 19.19 15.66 -0.43
N LEU B 184 18.60 15.97 -1.57
CA LEU B 184 19.30 15.86 -2.85
C LEU B 184 19.91 17.21 -3.19
N GLN B 185 21.24 17.25 -3.33
CA GLN B 185 21.90 18.52 -3.61
C GLN B 185 21.96 18.76 -5.12
N SER B 186 22.19 20.03 -5.49
CA SER B 186 22.23 20.40 -6.90
C SER B 186 23.38 19.74 -7.66
N SER B 187 24.39 19.22 -6.95
CA SER B 187 25.39 18.35 -7.55
C SER B 187 24.81 17.05 -8.07
N GLY B 188 23.65 16.63 -7.58
CA GLY B 188 23.12 15.32 -7.86
C GLY B 188 23.41 14.25 -6.82
N LEU B 189 24.14 14.59 -5.76
CA LEU B 189 24.40 13.65 -4.68
C LEU B 189 23.55 13.99 -3.48
N TYR B 190 23.31 12.96 -2.67
CA TYR B 190 22.50 13.08 -1.48
C TYR B 190 23.36 13.41 -0.27
N SER B 191 22.71 13.98 0.75
CA SER B 191 23.39 14.21 2.03
C SER B 191 22.36 14.02 3.14
N LEU B 192 22.81 13.52 4.28
CA LEU B 192 21.95 13.12 5.38
C LEU B 192 22.71 13.39 6.68
N SER B 193 22.01 13.83 7.73
CA SER B 193 22.61 13.97 9.04
C SER B 193 21.93 13.05 10.05
N SER B 194 22.71 12.56 11.01
CA SER B 194 22.17 11.78 12.13
C SER B 194 22.71 12.37 13.42
N VAL B 195 21.83 12.68 14.37
CA VAL B 195 22.26 13.28 15.63
C VAL B 195 21.76 12.45 16.79
N VAL B 196 22.37 12.67 17.96
CA VAL B 196 21.88 12.04 19.18
C VAL B 196 22.16 13.00 20.33
N THR B 197 21.30 12.97 21.35
CA THR B 197 21.51 13.75 22.56
C THR B 197 21.87 12.81 23.69
N VAL B 198 22.83 13.24 24.52
CA VAL B 198 23.44 12.39 25.54
C VAL B 198 23.75 13.23 26.78
N PRO B 199 23.92 12.58 27.93
CA PRO B 199 24.32 13.34 29.12
C PRO B 199 25.68 14.00 28.91
N SER B 200 25.76 15.30 29.27
CA SER B 200 27.01 16.05 29.16
C SER B 200 28.13 15.40 29.96
N SER B 201 27.80 14.82 31.11
CA SER B 201 28.82 14.17 31.93
C SER B 201 29.44 12.95 31.24
N SER B 202 28.94 12.53 30.09
CA SER B 202 29.51 11.39 29.38
C SER B 202 30.56 11.76 28.34
N LEU B 203 30.68 13.05 28.00
CA LEU B 203 31.45 13.45 26.81
C LEU B 203 32.93 13.07 26.90
N GLY B 204 33.53 13.24 28.06
CA GLY B 204 34.92 12.80 28.17
C GLY B 204 35.13 11.31 27.98
N THR B 205 34.11 10.50 28.23
CA THR B 205 34.39 9.14 28.71
C THR B 205 33.64 8.06 27.95
N GLN B 206 32.39 8.29 27.57
CA GLN B 206 31.69 7.37 26.69
C GLN B 206 32.14 7.58 25.24
N THR B 207 32.50 6.50 24.57
CA THR B 207 32.81 6.58 23.14
C THR B 207 31.53 6.53 22.29
N TYR B 208 31.45 7.41 21.28
CA TYR B 208 30.31 7.48 20.37
C TYR B 208 30.76 7.22 18.95
N ILE B 209 30.16 6.21 18.31
CA ILE B 209 30.54 5.82 16.95
C ILE B 209 29.27 5.76 16.11
N CYS B 210 29.28 6.43 14.97
CA CYS B 210 28.17 6.32 14.02
C CYS B 210 28.54 5.28 12.97
N ASN B 211 27.71 4.25 12.83
CA ASN B 211 27.94 3.18 11.88
C ASN B 211 27.14 3.49 10.62
N VAL B 212 27.85 3.72 9.51
CA VAL B 212 27.23 4.15 8.25
C VAL B 212 27.37 3.02 7.25
N ASN B 213 26.28 2.69 6.57
CA ASN B 213 26.34 1.62 5.58
C ASN B 213 25.58 2.08 4.36
N HIS B 214 26.29 2.14 3.24
CA HIS B 214 25.75 2.50 1.92
C HIS B 214 25.90 1.27 1.04
N LYS B 215 24.92 0.37 1.13
CA LYS B 215 24.95 -0.88 0.38
C LYS B 215 25.13 -0.70 -1.13
N PRO B 216 24.58 0.32 -1.79
CA PRO B 216 24.80 0.44 -3.25
C PRO B 216 26.26 0.55 -3.65
N SER B 217 27.10 1.22 -2.88
CA SER B 217 28.52 1.29 -3.23
C SER B 217 29.38 0.36 -2.41
N ASN B 218 28.77 -0.49 -1.58
CA ASN B 218 29.49 -1.42 -0.71
C ASN B 218 30.44 -0.67 0.23
N THR B 219 29.96 0.42 0.79
CA THR B 219 30.76 1.28 1.67
C THR B 219 30.21 1.22 3.09
N LYS B 220 31.03 0.73 4.02
CA LYS B 220 30.75 0.75 5.44
C LYS B 220 31.82 1.57 6.14
N VAL B 221 31.39 2.50 6.99
CA VAL B 221 32.28 3.35 7.78
C VAL B 221 31.78 3.40 9.21
N ASP B 222 32.70 3.22 10.17
CA ASP B 222 32.47 3.45 11.59
C ASP B 222 33.28 4.69 11.96
N LYS B 223 32.59 5.79 12.29
CA LYS B 223 33.26 7.04 12.57
C LYS B 223 33.07 7.41 14.05
N ARG B 224 34.17 7.47 14.79
CA ARG B 224 34.13 7.94 16.18
C ARG B 224 33.95 9.47 16.20
N VAL B 225 33.06 9.95 17.07
CA VAL B 225 32.77 11.38 17.20
C VAL B 225 33.15 11.78 18.61
N GLU B 226 34.13 12.67 18.73
CA GLU B 226 34.56 13.14 20.05
C GLU B 226 34.52 14.67 20.10
N PRO B 227 34.50 15.25 21.31
CA PRO B 227 34.55 16.71 21.42
C PRO B 227 35.77 17.26 20.69
N LYS B 228 35.59 18.37 19.99
CA LYS B 228 36.73 18.97 19.29
C LYS B 228 37.73 19.50 20.30
N SER B 229 39.01 19.39 19.98
CA SER B 229 40.06 19.85 20.90
C SER B 229 40.37 21.34 20.76
N ASP C 1 -10.53 14.31 -17.50
CA ASP C 1 -10.33 13.26 -16.51
C ASP C 1 -10.98 13.61 -15.17
N ILE C 2 -11.28 12.59 -14.38
CA ILE C 2 -11.82 12.84 -13.05
C ILE C 2 -10.68 13.12 -12.09
N VAL C 3 -10.80 14.23 -11.35
CA VAL C 3 -9.78 14.69 -10.44
C VAL C 3 -10.35 14.61 -9.03
N MET C 4 -9.60 13.99 -8.14
CA MET C 4 -9.93 13.90 -6.72
C MET C 4 -9.12 14.90 -5.92
N THR C 5 -9.79 15.59 -4.99
CA THR C 5 -9.17 16.55 -4.10
C THR C 5 -9.61 16.25 -2.66
N GLN C 6 -8.83 16.71 -1.69
CA GLN C 6 -9.13 16.43 -0.29
C GLN C 6 -8.93 17.68 0.54
N SER C 7 -9.67 17.74 1.65
CA SER C 7 -9.53 18.82 2.60
C SER C 7 -9.77 18.27 3.99
N PRO C 8 -9.06 18.76 5.01
CA PRO C 8 -7.93 19.70 4.86
C PRO C 8 -6.67 18.94 4.46
N SER C 9 -5.59 19.64 4.12
CA SER C 9 -4.38 18.92 3.77
C SER C 9 -3.71 18.32 5.01
N THR C 10 -3.81 19.00 6.17
CA THR C 10 -3.24 18.50 7.40
C THR C 10 -4.21 18.78 8.55
N LEU C 11 -4.11 17.96 9.59
CA LEU C 11 -5.00 18.06 10.74
C LEU C 11 -4.26 17.59 11.98
N SER C 12 -4.34 18.37 13.05
CA SER C 12 -3.77 18.00 14.34
C SER C 12 -4.93 17.71 15.28
N ALA C 13 -4.94 16.53 15.86
CA ALA C 13 -5.99 16.16 16.79
C ALA C 13 -5.40 15.28 17.88
N SER C 14 -6.19 15.08 18.94
CA SER C 14 -5.75 14.32 20.10
C SER C 14 -6.39 12.94 20.11
N VAL C 15 -5.76 12.02 20.84
CA VAL C 15 -6.37 10.71 21.08
C VAL C 15 -7.74 10.90 21.71
N GLY C 16 -8.75 10.30 21.08
CA GLY C 16 -10.11 10.37 21.57
C GLY C 16 -11.02 11.31 20.79
N ASP C 17 -10.45 12.25 20.03
CA ASP C 17 -11.26 13.17 19.25
C ASP C 17 -12.06 12.44 18.17
N ARG C 18 -13.18 13.04 17.79
CA ARG C 18 -13.87 12.70 16.56
C ARG C 18 -13.26 13.50 15.42
N VAL C 19 -12.93 12.82 14.33
CA VAL C 19 -12.24 13.45 13.20
C VAL C 19 -13.04 13.15 11.93
N THR C 20 -13.31 14.19 11.14
CA THR C 20 -13.96 14.03 9.85
C THR C 20 -13.10 14.71 8.80
N ILE C 21 -12.72 13.96 7.76
CA ILE C 21 -11.95 14.50 6.64
C ILE C 21 -12.75 14.31 5.36
N SER C 22 -12.44 15.11 4.35
CA SER C 22 -13.32 15.24 3.19
C SER C 22 -12.58 14.97 1.88
N CYS C 23 -13.34 14.47 0.91
CA CYS C 23 -12.84 14.09 -0.40
C CYS C 23 -13.87 14.54 -1.44
N ARG C 24 -13.40 15.16 -2.51
CA ARG C 24 -14.27 15.67 -3.55
C ARG C 24 -13.81 15.13 -4.90
N ALA C 25 -14.79 14.73 -5.72
CA ALA C 25 -14.56 14.28 -7.08
C ALA C 25 -15.01 15.35 -8.07
N SER C 26 -14.19 15.56 -9.12
CA SER C 26 -14.50 16.59 -10.12
C SER C 26 -15.82 16.34 -10.82
N GLN C 27 -16.19 15.08 -11.01
CA GLN C 27 -17.47 14.68 -11.59
C GLN C 27 -18.11 13.61 -10.72
N SER C 28 -19.35 13.28 -11.04
CA SER C 28 -20.07 12.30 -10.25
C SER C 28 -19.41 10.93 -10.39
N ILE C 29 -19.09 10.30 -9.26
CA ILE C 29 -18.52 8.95 -9.27
C ILE C 29 -19.39 7.97 -8.50
N SER C 30 -20.67 8.28 -8.32
CA SER C 30 -21.64 7.34 -7.72
C SER C 30 -21.11 6.92 -6.35
N SER C 31 -20.96 5.63 -6.06
CA SER C 31 -20.34 5.20 -4.81
C SER C 31 -18.95 4.58 -5.03
N TRP C 32 -18.33 4.84 -6.18
CA TRP C 32 -17.07 4.19 -6.55
C TRP C 32 -15.88 4.92 -5.95
N LEU C 33 -15.86 4.98 -4.62
CA LEU C 33 -14.83 5.70 -3.88
C LEU C 33 -14.32 4.85 -2.74
N ALA C 34 -12.99 4.89 -2.53
CA ALA C 34 -12.33 4.12 -1.50
C ALA C 34 -11.39 5.03 -0.70
N TRP C 35 -11.09 4.60 0.52
CA TRP C 35 -10.15 5.31 1.39
C TRP C 35 -8.99 4.39 1.73
N TYR C 36 -7.78 4.93 1.67
CA TYR C 36 -6.55 4.23 2.02
C TYR C 36 -5.82 5.00 3.11
N GLN C 37 -5.21 4.25 4.05
CA GLN C 37 -4.35 4.77 5.10
C GLN C 37 -2.90 4.42 4.78
N GLN C 38 -1.97 5.36 5.01
CA GLN C 38 -0.55 5.07 4.76
C GLN C 38 0.32 5.74 5.82
N LYS C 39 1.20 4.92 6.48
CA LYS C 39 2.24 5.37 7.41
C LYS C 39 3.53 5.62 6.63
N PRO C 40 4.42 6.49 7.12
CA PRO C 40 5.57 6.86 6.28
C PRO C 40 6.44 5.65 5.96
N GLY C 41 6.87 5.58 4.69
CA GLY C 41 7.77 4.53 4.27
C GLY C 41 7.17 3.14 4.17
N ARG C 42 5.85 3.01 4.23
CA ARG C 42 5.21 1.70 4.18
C ARG C 42 4.14 1.71 3.10
N ALA C 43 3.70 0.51 2.72
CA ALA C 43 2.67 0.39 1.71
C ALA C 43 1.33 0.87 2.27
N PRO C 44 0.48 1.49 1.44
CA PRO C 44 -0.86 1.90 1.90
C PRO C 44 -1.73 0.71 2.24
N LYS C 45 -2.85 0.99 2.93
CA LYS C 45 -3.79 -0.04 3.37
C LYS C 45 -5.22 0.39 3.06
N LEU C 46 -5.96 -0.47 2.35
CA LEU C 46 -7.36 -0.20 2.06
C LEU C 46 -8.21 -0.27 3.32
N LEU C 47 -8.94 0.80 3.61
CA LEU C 47 -9.86 0.89 4.75
C LEU C 47 -11.32 0.78 4.36
N ILE C 48 -11.76 1.52 3.33
CA ILE C 48 -13.18 1.65 3.00
C ILE C 48 -13.34 1.58 1.50
N TYR C 49 -14.36 0.87 1.04
CA TYR C 49 -14.73 0.85 -0.37
C TYR C 49 -16.23 1.06 -0.47
N LYS C 50 -16.70 1.31 -1.69
CA LYS C 50 -18.12 1.58 -1.93
C LYS C 50 -18.61 2.72 -1.04
N ALA C 51 -17.74 3.72 -0.83
CA ALA C 51 -18.01 4.93 -0.04
C ALA C 51 -18.15 4.66 1.45
N SER C 52 -18.81 3.56 1.84
CA SER C 52 -19.11 3.34 3.25
C SER C 52 -18.91 1.92 3.74
N SER C 53 -18.41 1.00 2.91
CA SER C 53 -18.20 -0.37 3.34
C SER C 53 -16.82 -0.51 3.98
N LEU C 54 -16.78 -1.01 5.21
CA LEU C 54 -15.51 -1.24 5.88
C LEU C 54 -14.81 -2.47 5.31
N GLU C 55 -13.51 -2.36 5.08
CA GLU C 55 -12.75 -3.52 4.65
C GLU C 55 -12.60 -4.49 5.82
N THR C 56 -12.51 -5.78 5.48
CA THR C 56 -12.35 -6.83 6.48
C THR C 56 -11.19 -6.51 7.42
N GLY C 57 -11.47 -6.56 8.72
CA GLY C 57 -10.44 -6.32 9.72
C GLY C 57 -10.26 -4.88 10.15
N VAL C 58 -11.03 -3.95 9.60
CA VAL C 58 -10.85 -2.53 9.92
C VAL C 58 -11.72 -2.16 11.12
N PRO C 59 -11.19 -1.47 12.12
CA PRO C 59 -11.98 -1.16 13.31
C PRO C 59 -13.26 -0.40 12.99
N SER C 60 -14.25 -0.56 13.86
CA SER C 60 -15.55 0.05 13.64
C SER C 60 -15.54 1.54 13.87
N ARG C 61 -14.53 2.07 14.57
CA ARG C 61 -14.45 3.53 14.76
C ARG C 61 -14.30 4.25 13.44
N PHE C 62 -13.86 3.56 12.38
CA PHE C 62 -13.83 4.14 11.05
C PHE C 62 -15.20 4.04 10.41
N SER C 63 -15.56 5.07 9.66
CA SER C 63 -16.78 5.04 8.86
C SER C 63 -16.59 6.01 7.71
N GLY C 64 -17.39 5.79 6.67
CA GLY C 64 -17.36 6.65 5.51
C GLY C 64 -18.78 6.98 5.11
N SER C 65 -18.94 8.17 4.55
CA SER C 65 -20.25 8.62 4.12
C SER C 65 -20.07 9.33 2.80
N GLY C 66 -21.19 9.59 2.14
CA GLY C 66 -21.21 10.39 0.93
C GLY C 66 -21.54 9.57 -0.30
N SER C 67 -21.74 10.29 -1.39
CA SER C 67 -22.16 9.77 -2.68
C SER C 67 -22.01 10.90 -3.69
N GLY C 68 -21.96 10.54 -4.97
CA GLY C 68 -21.85 11.55 -6.02
C GLY C 68 -20.49 12.22 -6.10
N THR C 69 -20.36 13.46 -5.59
CA THR C 69 -19.09 14.18 -5.60
C THR C 69 -18.52 14.52 -4.23
N GLU C 70 -19.25 14.32 -3.14
CA GLU C 70 -18.77 14.70 -1.81
C GLU C 70 -18.70 13.48 -0.92
N PHE C 71 -17.53 13.26 -0.32
CA PHE C 71 -17.32 12.10 0.53
C PHE C 71 -16.58 12.51 1.79
N THR C 72 -16.81 11.77 2.85
CA THR C 72 -16.08 11.97 4.09
C THR C 72 -15.60 10.64 4.63
N LEU C 73 -14.51 10.69 5.38
CA LEU C 73 -14.11 9.62 6.26
C LEU C 73 -14.18 10.14 7.69
N THR C 74 -14.69 9.32 8.59
CA THR C 74 -14.87 9.73 9.97
C THR C 74 -14.22 8.71 10.89
N ILE C 75 -13.46 9.19 11.86
CA ILE C 75 -12.97 8.37 12.96
C ILE C 75 -13.71 8.82 14.20
N SER C 76 -14.53 7.92 14.77
CA SER C 76 -15.40 8.32 15.88
C SER C 76 -14.59 8.71 17.10
N SER C 77 -13.42 8.10 17.30
CA SER C 77 -12.60 8.36 18.48
C SER C 77 -11.16 7.98 18.12
N LEU C 78 -10.35 8.99 17.80
CA LEU C 78 -8.97 8.79 17.36
C LEU C 78 -8.17 7.95 18.35
N GLN C 79 -7.34 7.07 17.82
CA GLN C 79 -6.45 6.24 18.61
C GLN C 79 -5.02 6.39 18.08
N PRO C 80 -4.01 6.04 18.90
CA PRO C 80 -2.63 6.23 18.44
C PRO C 80 -2.32 5.58 17.10
N ASP C 81 -2.91 4.42 16.79
CA ASP C 81 -2.65 3.78 15.51
C ASP C 81 -3.21 4.56 14.32
N ASP C 82 -4.04 5.57 14.56
CA ASP C 82 -4.73 6.27 13.48
C ASP C 82 -3.96 7.45 12.93
N PHE C 83 -2.87 7.87 13.56
CA PHE C 83 -2.14 9.00 13.02
C PHE C 83 -1.35 8.53 11.79
N ALA C 84 -1.61 9.18 10.65
CA ALA C 84 -1.24 8.66 9.33
C ALA C 84 -1.72 9.62 8.24
N THR C 85 -1.39 9.35 6.98
CA THR C 85 -1.95 10.08 5.85
C THR C 85 -3.08 9.24 5.21
N TYR C 86 -4.21 9.90 4.90
CA TYR C 86 -5.37 9.22 4.32
C TYR C 86 -5.61 9.73 2.90
N TYR C 87 -5.69 8.79 1.96
CA TYR C 87 -5.90 9.09 0.54
C TYR C 87 -7.25 8.53 0.10
N CYS C 88 -8.07 9.34 -0.56
CA CYS C 88 -9.22 8.73 -1.21
C CYS C 88 -8.82 8.30 -2.63
N GLN C 89 -9.69 7.51 -3.27
CA GLN C 89 -9.35 6.89 -4.54
C GLN C 89 -10.62 6.49 -5.25
N HIS C 90 -10.76 6.95 -6.50
CA HIS C 90 -11.84 6.51 -7.38
C HIS C 90 -11.35 5.34 -8.22
N TYR C 91 -12.18 4.30 -8.32
CA TYR C 91 -11.86 3.11 -9.08
C TYR C 91 -12.92 2.85 -10.15
N ASN C 92 -12.50 2.32 -11.29
CA ASN C 92 -13.40 1.78 -12.31
C ASN C 92 -12.60 0.78 -13.14
N THR C 93 -13.25 0.19 -14.14
CA THR C 93 -12.63 -0.89 -14.90
C THR C 93 -11.35 -0.45 -15.61
N TYR C 94 -11.19 0.85 -15.83
CA TYR C 94 -10.13 1.36 -16.67
C TYR C 94 -8.99 1.99 -15.92
N LEU C 95 -9.21 2.51 -14.71
CA LEU C 95 -8.18 3.27 -14.02
C LEU C 95 -8.47 3.28 -12.52
N PHE C 96 -7.45 3.71 -11.77
CA PHE C 96 -7.59 4.21 -10.42
C PHE C 96 -7.01 5.62 -10.39
N THR C 97 -7.59 6.50 -9.57
CA THR C 97 -7.07 7.85 -9.38
C THR C 97 -7.12 8.21 -7.91
N PHE C 98 -5.97 8.58 -7.35
CA PHE C 98 -5.85 8.92 -5.93
C PHE C 98 -6.04 10.42 -5.72
N GLY C 99 -6.62 10.77 -4.57
CA GLY C 99 -6.56 12.14 -4.10
C GLY C 99 -5.20 12.45 -3.52
N PRO C 100 -4.97 13.74 -3.22
CA PRO C 100 -3.63 14.16 -2.74
C PRO C 100 -3.32 13.80 -1.30
N GLY C 101 -4.30 13.41 -0.49
CA GLY C 101 -4.00 12.92 0.84
C GLY C 101 -4.17 13.97 1.92
N THR C 102 -4.50 13.50 3.13
CA THR C 102 -4.71 14.31 4.33
C THR C 102 -3.88 13.70 5.45
N LYS C 103 -2.91 14.45 5.98
CA LYS C 103 -2.04 13.95 7.05
C LYS C 103 -2.60 14.34 8.41
N VAL C 104 -2.87 13.35 9.26
CA VAL C 104 -3.37 13.58 10.62
C VAL C 104 -2.23 13.27 11.60
N ASP C 105 -1.80 14.29 12.34
CA ASP C 105 -0.76 14.12 13.35
C ASP C 105 -1.33 14.37 14.74
N LEU C 106 -0.59 13.92 15.75
CA LEU C 106 -1.09 13.95 17.12
C LEU C 106 -0.77 15.30 17.75
N LYS C 107 -1.80 15.96 18.25
CA LYS C 107 -1.61 17.23 18.94
C LYS C 107 -1.15 16.98 20.36
N ARG C 108 -0.15 17.73 20.78
CA ARG C 108 0.37 17.69 22.14
C ARG C 108 0.59 19.14 22.58
N THR C 109 1.14 19.31 23.76
CA THR C 109 1.41 20.64 24.26
C THR C 109 2.53 21.28 23.43
N VAL C 110 2.52 22.61 23.38
CA VAL C 110 3.57 23.34 22.67
C VAL C 110 4.90 23.10 23.36
N ALA C 111 5.95 22.94 22.56
CA ALA C 111 7.29 22.64 23.06
C ALA C 111 8.32 23.39 22.23
N ALA C 112 9.13 24.23 22.89
CA ALA C 112 10.18 24.96 22.19
C ALA C 112 11.32 24.02 21.79
N PRO C 113 11.97 24.28 20.67
CA PRO C 113 13.12 23.46 20.28
C PRO C 113 14.35 23.79 21.15
N SER C 114 15.15 22.77 21.39
CA SER C 114 16.52 22.97 21.87
C SER C 114 17.43 23.10 20.66
N VAL C 115 18.22 24.18 20.60
CA VAL C 115 18.95 24.53 19.40
C VAL C 115 20.44 24.27 19.62
N PHE C 116 21.10 23.68 18.62
CA PHE C 116 22.54 23.42 18.69
C PHE C 116 23.13 23.78 17.34
N ILE C 117 24.39 24.25 17.34
CA ILE C 117 25.05 24.58 16.09
C ILE C 117 26.40 23.89 16.04
N PHE C 118 26.76 23.37 14.86
CA PHE C 118 27.96 22.57 14.66
C PHE C 118 28.82 23.23 13.58
N PRO C 119 30.07 23.58 13.88
CA PRO C 119 30.98 24.05 12.83
C PRO C 119 31.33 22.91 11.89
N PRO C 120 31.78 23.21 10.68
CA PRO C 120 32.36 22.17 9.84
C PRO C 120 33.58 21.56 10.50
N SER C 121 33.79 20.28 10.23
CA SER C 121 34.92 19.56 10.75
C SER C 121 36.19 19.93 9.99
N ASP C 122 37.33 19.77 10.67
CA ASP C 122 38.60 20.04 9.99
C ASP C 122 38.85 19.06 8.85
N GLU C 123 38.38 17.80 8.99
CA GLU C 123 38.48 16.85 7.90
C GLU C 123 37.74 17.35 6.66
N GLN C 124 36.49 17.79 6.84
CA GLN C 124 35.75 18.29 5.68
C GLN C 124 36.45 19.49 5.06
N LEU C 125 36.92 20.43 5.90
CA LEU C 125 37.62 21.60 5.39
C LEU C 125 38.80 21.21 4.51
N LYS C 126 39.51 20.14 4.86
CA LYS C 126 40.64 19.71 4.04
C LYS C 126 40.22 19.37 2.62
N SER C 127 38.94 19.02 2.41
CA SER C 127 38.48 18.57 1.10
C SER C 127 38.05 19.72 0.18
N GLY C 128 37.79 20.91 0.73
CA GLY C 128 37.42 22.07 -0.08
C GLY C 128 36.05 22.67 0.20
N THR C 129 35.22 22.07 1.05
CA THR C 129 33.86 22.58 1.29
C THR C 129 33.62 22.64 2.80
N ALA C 130 32.69 23.51 3.20
CA ALA C 130 32.30 23.67 4.60
C ALA C 130 30.79 23.49 4.69
N SER C 131 30.35 22.56 5.53
CA SER C 131 28.94 22.42 5.89
C SER C 131 28.78 22.87 7.35
N VAL C 132 27.89 23.82 7.58
CA VAL C 132 27.52 24.28 8.92
C VAL C 132 26.13 23.75 9.21
N VAL C 133 25.95 23.10 10.37
CA VAL C 133 24.71 22.42 10.68
C VAL C 133 24.05 23.05 11.89
N CYS C 134 22.74 23.28 11.78
CA CYS C 134 21.94 23.77 12.90
C CYS C 134 20.83 22.77 13.20
N LEU C 135 20.70 22.39 14.47
CA LEU C 135 19.75 21.36 14.89
C LEU C 135 18.67 21.97 15.78
N LEU C 136 17.40 21.72 15.44
CA LEU C 136 16.29 22.11 16.30
C LEU C 136 15.69 20.81 16.83
N ASN C 137 15.82 20.57 18.12
CA ASN C 137 15.47 19.26 18.67
C ASN C 137 14.16 19.29 19.46
N ASN C 138 13.29 18.32 19.18
CA ASN C 138 12.12 17.98 20.01
C ASN C 138 11.18 19.16 20.23
N PHE C 139 10.67 19.73 19.14
CA PHE C 139 9.72 20.82 19.26
C PHE C 139 8.35 20.41 18.75
N TYR C 140 7.32 21.21 19.11
CA TYR C 140 5.94 21.07 18.66
C TYR C 140 5.25 22.42 18.77
N PRO C 141 4.48 22.85 17.75
CA PRO C 141 4.17 22.16 16.50
C PRO C 141 5.30 22.21 15.47
N ARG C 142 4.99 21.71 14.27
CA ARG C 142 6.00 21.47 13.24
C ARG C 142 6.54 22.77 12.64
N GLU C 143 5.74 23.84 12.60
CA GLU C 143 6.17 25.06 11.93
C GLU C 143 7.37 25.67 12.65
N ALA C 144 8.44 25.92 11.90
CA ALA C 144 9.63 26.53 12.48
C ALA C 144 10.39 27.22 11.38
N LYS C 145 11.10 28.29 11.74
CA LYS C 145 11.87 29.08 10.80
C LYS C 145 13.30 29.20 11.28
N VAL C 146 14.24 28.87 10.40
CA VAL C 146 15.67 28.99 10.63
C VAL C 146 16.20 30.08 9.72
N GLN C 147 16.99 30.99 10.28
CA GLN C 147 17.64 32.02 9.50
C GLN C 147 19.14 31.93 9.74
N TRP C 148 19.93 31.88 8.66
CA TRP C 148 21.39 31.82 8.77
C TRP C 148 22.01 33.20 8.57
N LYS C 149 22.99 33.52 9.39
CA LYS C 149 23.72 34.78 9.24
C LYS C 149 25.22 34.52 9.36
N VAL C 150 25.99 35.11 8.44
CA VAL C 150 27.45 34.98 8.43
C VAL C 150 28.00 36.40 8.52
N ASP C 151 28.66 36.71 9.63
CA ASP C 151 29.09 38.08 9.95
C ASP C 151 27.96 39.09 9.67
N ASN C 152 26.76 38.73 10.11
CA ASN C 152 25.53 39.52 9.99
C ASN C 152 24.95 39.55 8.57
N ALA C 153 25.54 38.84 7.61
CA ALA C 153 24.99 38.79 6.26
C ALA C 153 23.96 37.67 6.21
N LEU C 154 22.73 38.03 5.90
CA LEU C 154 21.67 37.02 5.83
C LEU C 154 21.88 36.09 4.64
N GLN C 155 21.87 34.78 4.90
CA GLN C 155 22.09 33.78 3.86
C GLN C 155 20.75 33.40 3.25
N SER C 156 20.64 33.46 1.94
CA SER C 156 19.40 33.11 1.27
C SER C 156 19.70 32.19 0.11
N GLY C 157 19.14 30.98 0.14
CA GLY C 157 19.23 30.06 -0.97
C GLY C 157 20.39 29.09 -0.92
N ASN C 158 21.27 29.19 0.08
CA ASN C 158 22.39 28.25 0.18
C ASN C 158 22.26 27.35 1.40
N SER C 159 21.03 27.07 1.85
CA SER C 159 20.84 26.07 2.89
C SER C 159 19.76 25.09 2.46
N GLN C 160 19.77 23.92 3.10
CA GLN C 160 18.73 22.91 2.91
C GLN C 160 18.37 22.34 4.27
N GLU C 161 17.10 22.00 4.45
CA GLU C 161 16.66 21.48 5.73
C GLU C 161 15.81 20.23 5.52
N SER C 162 15.70 19.43 6.58
CA SER C 162 14.76 18.33 6.56
C SER C 162 14.31 18.04 7.99
N VAL C 163 13.15 17.40 8.10
CA VAL C 163 12.42 17.27 9.35
C VAL C 163 12.10 15.81 9.57
N THR C 164 12.27 15.32 10.80
CA THR C 164 11.86 13.96 11.05
C THR C 164 10.33 13.88 11.10
N GLU C 165 9.82 12.64 11.08
CA GLU C 165 8.42 12.39 11.36
C GLU C 165 8.15 12.54 12.85
N GLN C 166 6.89 12.78 13.19
CA GLN C 166 6.50 12.96 14.58
C GLN C 166 6.97 11.77 15.42
N ASP C 167 7.61 12.06 16.55
CA ASP C 167 8.20 11.00 17.36
C ASP C 167 7.11 10.17 18.02
N SER C 168 7.24 8.85 17.94
CA SER C 168 6.22 7.96 18.48
C SER C 168 6.10 8.05 20.00
N LYS C 169 7.14 8.49 20.69
CA LYS C 169 7.09 8.51 22.15
C LYS C 169 6.65 9.87 22.71
N ASP C 170 7.32 10.97 22.31
CA ASP C 170 6.99 12.28 22.86
C ASP C 170 6.22 13.16 21.90
N SER C 171 5.97 12.71 20.66
CA SER C 171 5.15 13.39 19.66
C SER C 171 5.75 14.71 19.16
N THR C 172 7.05 14.94 19.36
CA THR C 172 7.69 16.14 18.84
C THR C 172 8.34 15.88 17.49
N TYR C 173 8.83 16.96 16.90
CA TYR C 173 9.58 16.96 15.66
C TYR C 173 10.99 17.45 15.94
N SER C 174 11.92 17.06 15.08
CA SER C 174 13.25 17.66 15.06
C SER C 174 13.57 18.04 13.63
N LEU C 175 14.46 19.05 13.49
CA LEU C 175 14.77 19.65 12.19
C LEU C 175 16.27 19.90 12.10
N SER C 176 16.85 19.63 10.94
CA SER C 176 18.25 19.97 10.72
C SER C 176 18.33 20.89 9.51
N SER C 177 19.18 21.90 9.60
CA SER C 177 19.40 22.85 8.50
C SER C 177 20.90 22.91 8.25
N THR C 178 21.31 22.74 6.99
CA THR C 178 22.71 22.72 6.62
C THR C 178 23.03 23.88 5.69
N LEU C 179 23.95 24.75 6.11
CA LEU C 179 24.47 25.83 5.29
C LEU C 179 25.72 25.36 4.55
N THR C 180 25.74 25.50 3.23
CA THR C 180 26.89 25.10 2.43
C THR C 180 27.69 26.33 1.98
N LEU C 181 29.01 26.28 2.19
CA LEU C 181 29.95 27.31 1.74
C LEU C 181 31.22 26.66 1.22
N SER C 182 31.92 27.37 0.35
CA SER C 182 33.27 26.93 -0.01
C SER C 182 34.21 27.15 1.16
N LYS C 183 35.30 26.39 1.19
CA LYS C 183 36.32 26.57 2.23
C LYS C 183 36.86 28.00 2.23
N ALA C 184 37.21 28.53 1.06
CA ALA C 184 37.76 29.88 0.99
C ALA C 184 36.80 30.92 1.58
N ASP C 185 35.50 30.77 1.31
CA ASP C 185 34.53 31.71 1.86
C ASP C 185 34.35 31.51 3.36
N TYR C 186 34.34 30.26 3.81
CA TYR C 186 34.21 30.00 5.24
C TYR C 186 35.31 30.70 6.02
N GLU C 187 36.54 30.62 5.52
CA GLU C 187 37.70 31.20 6.20
C GLU C 187 37.78 32.71 6.05
N LYS C 188 36.91 33.33 5.26
CA LYS C 188 36.85 34.79 5.15
C LYS C 188 36.06 35.40 6.29
N HIS C 189 35.35 34.62 7.11
CA HIS C 189 34.36 35.15 8.03
C HIS C 189 34.53 34.57 9.43
N LYS C 190 34.01 35.30 10.41
CA LYS C 190 34.16 34.95 11.82
C LYS C 190 32.90 34.38 12.45
N VAL C 191 31.79 35.12 12.45
CA VAL C 191 30.61 34.78 13.26
C VAL C 191 29.60 34.03 12.39
N TYR C 192 29.33 32.78 12.76
CA TYR C 192 28.32 31.94 12.11
C TYR C 192 27.17 31.74 13.08
N ALA C 193 25.96 32.09 12.65
CA ALA C 193 24.83 32.12 13.56
C ALA C 193 23.60 31.51 12.91
N CYS C 194 22.82 30.81 13.74
CA CYS C 194 21.55 30.19 13.39
C CYS C 194 20.48 30.81 14.29
N GLU C 195 19.49 31.49 13.70
CA GLU C 195 18.42 32.12 14.46
C GLU C 195 17.10 31.39 14.22
N VAL C 196 16.41 31.02 15.30
CA VAL C 196 15.28 30.08 15.26
C VAL C 196 14.04 30.78 15.77
N THR C 197 12.97 30.73 15.00
CA THR C 197 11.68 31.27 15.40
C THR C 197 10.69 30.12 15.55
N HIS C 198 9.96 30.10 16.67
CA HIS C 198 9.03 29.02 16.97
C HIS C 198 8.05 29.47 18.03
N GLN C 199 6.83 28.90 17.99
CA GLN C 199 5.75 29.25 18.90
C GLN C 199 6.19 29.24 20.36
N GLY C 200 6.89 28.19 20.79
CA GLY C 200 7.27 28.06 22.18
C GLY C 200 8.32 29.03 22.67
N LEU C 201 8.78 29.95 21.82
CA LEU C 201 9.80 30.92 22.18
C LEU C 201 9.18 32.31 22.20
N SER C 202 9.34 33.04 23.31
CA SER C 202 8.81 34.40 23.39
C SER C 202 9.43 35.31 22.35
N SER C 203 10.68 35.03 21.96
CA SER C 203 11.38 35.76 20.90
C SER C 203 12.41 34.81 20.32
N PRO C 204 12.94 35.12 19.13
CA PRO C 204 13.86 34.17 18.47
C PRO C 204 15.11 33.86 19.27
N VAL C 205 15.58 32.63 19.12
CA VAL C 205 16.78 32.12 19.79
C VAL C 205 17.93 32.07 18.78
N THR C 206 19.07 32.65 19.13
CA THR C 206 20.28 32.53 18.32
C THR C 206 21.32 31.65 19.01
N LYS C 207 21.91 30.73 18.25
CA LYS C 207 23.11 30.01 18.63
C LYS C 207 24.17 30.33 17.58
N SER C 208 25.38 30.60 18.03
CA SER C 208 26.43 31.00 17.12
C SER C 208 27.76 30.44 17.59
N PHE C 209 28.74 30.44 16.69
CA PHE C 209 30.13 30.21 17.08
C PHE C 209 31.01 31.17 16.28
N ASN C 210 32.25 31.32 16.76
CA ASN C 210 33.31 32.05 16.06
C ASN C 210 34.25 31.02 15.45
N ARG C 211 34.51 31.15 14.15
CA ARG C 211 35.34 30.18 13.45
C ARG C 211 36.69 30.02 14.14
N GLY C 212 37.08 28.76 14.37
CA GLY C 212 38.38 28.43 14.92
C GLY C 212 38.36 28.06 16.39
N GLU C 213 37.46 28.64 17.17
CA GLU C 213 37.44 28.44 18.61
C GLU C 213 36.96 27.04 19.00
C1 NAG D . -18.87 -8.67 2.97
C2 NAG D . -19.81 -7.53 3.35
C3 NAG D . -19.42 -6.98 4.72
C4 NAG D . -19.33 -8.10 5.76
C5 NAG D . -18.39 -9.18 5.24
C6 NAG D . -18.27 -10.36 6.21
C7 NAG D . -20.59 -6.17 1.44
C8 NAG D . -20.33 -4.92 0.65
N2 NAG D . -19.69 -6.46 2.38
O3 NAG D . -20.38 -5.99 5.10
O4 NAG D . -18.77 -7.63 7.01
O5 NAG D . -18.87 -9.67 3.99
O6 NAG D . -17.30 -11.28 5.70
O7 NAG D . -21.56 -6.87 1.23
C1 NAG D . -19.76 -7.36 8.02
C2 NAG D . -19.11 -6.43 9.05
C3 NAG D . -20.10 -5.99 10.12
C4 NAG D . -21.33 -5.38 9.47
C5 NAG D . -21.92 -6.39 8.48
C6 NAG D . -23.14 -5.82 7.77
C7 NAG D . -17.92 -8.37 10.03
C8 NAG D . -18.31 -8.68 11.45
N2 NAG D . -17.96 -7.08 9.68
O3 NAG D . -19.47 -5.03 10.97
O4 NAG D . -22.28 -5.05 10.49
O5 NAG D . -20.93 -6.72 7.50
O6 NAG D . -22.73 -5.05 6.64
O7 NAG D . -17.58 -9.24 9.27
C1 NAG E . -20.87 -18.56 3.41
C2 NAG E . -21.48 -17.77 4.59
C3 NAG E . -20.53 -17.77 5.79
C4 NAG E . -20.21 -19.20 6.22
C5 NAG E . -19.63 -19.91 4.99
C6 NAG E . -19.25 -21.36 5.31
C7 NAG E . -22.94 -16.02 3.69
C8 NAG E . -23.07 -14.55 3.37
N2 NAG E . -21.77 -16.39 4.22
O3 NAG E . -21.10 -17.05 6.88
O4 NAG E . -19.28 -19.19 7.31
O5 NAG E . -20.56 -19.87 3.90
O6 NAG E . -20.41 -22.09 5.75
O7 NAG E . -23.86 -16.80 3.49
C1 NAG E . -19.78 -19.89 8.49
C2 NAG E . -18.60 -20.23 9.39
C3 NAG E . -19.05 -20.92 10.66
C4 NAG E . -20.14 -20.11 11.34
C5 NAG E . -21.25 -19.79 10.36
C6 NAG E . -22.31 -18.91 11.04
C7 NAG E . -16.61 -20.62 8.08
C8 NAG E . -15.55 -21.62 7.73
N2 NAG E . -17.68 -21.09 8.68
O3 NAG E . -17.93 -21.04 11.55
O4 NAG E . -20.67 -20.85 12.45
O5 NAG E . -20.72 -19.10 9.23
O6 NAG E . -23.38 -18.69 10.12
O7 NAG E . -16.49 -19.42 7.84
C1 NAG F . -32.33 -9.22 -19.19
C2 NAG F . -32.90 -7.93 -19.76
C3 NAG F . -33.63 -8.23 -21.06
C4 NAG F . -32.71 -8.97 -22.02
C5 NAG F . -32.16 -10.23 -21.35
C6 NAG F . -31.17 -10.95 -22.28
C7 NAG F . -33.38 -6.30 -17.98
C8 NAG F . -34.30 -5.94 -16.86
N2 NAG F . -33.80 -7.28 -18.80
O3 NAG F . -34.02 -7.00 -21.66
O4 NAG F . -33.40 -9.34 -23.21
O5 NAG F . -31.48 -9.85 -20.15
O6 NAG F . -30.61 -12.09 -21.61
O7 NAG F . -32.32 -5.74 -18.12
C1 NAG G . 0.46 -22.73 -3.46
C2 NAG G . 1.36 -21.50 -3.53
C3 NAG G . 2.65 -21.76 -2.76
C4 NAG G . 2.33 -22.24 -1.35
C5 NAG G . 1.42 -23.46 -1.38
C6 NAG G . 1.03 -23.81 0.05
C7 NAG G . 1.49 -19.96 -5.38
C8 NAG G . 2.05 -19.67 -6.74
N2 NAG G . 1.71 -21.19 -4.90
O3 NAG G . 3.38 -20.52 -2.68
O4 NAG G . 3.53 -22.55 -0.63
O5 NAG G . 0.23 -23.13 -2.10
O6 NAG G . 0.50 -22.65 0.71
O7 NAG G . 0.85 -19.12 -4.75
C1 NAG H . -3.70 -31.46 -12.31
C2 NAG H . -3.04 -30.92 -11.04
C3 NAG H . -2.10 -29.78 -11.43
C4 NAG H . -1.13 -30.23 -12.53
C5 NAG H . -1.90 -30.80 -13.72
C6 NAG H . -1.00 -31.23 -14.87
C7 NAG H . -4.59 -31.19 -9.12
C8 NAG H . -5.80 -30.61 -8.44
N2 NAG H . -4.06 -30.44 -10.11
O3 NAG H . -1.36 -29.33 -10.30
O4 NAG H . -0.33 -29.13 -12.95
O5 NAG H . -2.72 -31.88 -13.27
O6 NAG H . -0.22 -32.38 -14.49
O7 NAG H . -4.13 -32.26 -8.77
#